data_6LBQ
#
_entry.id   6LBQ
#
_cell.length_a   1.00
_cell.length_b   1.00
_cell.length_c   1.00
_cell.angle_alpha   90.00
_cell.angle_beta   90.00
_cell.angle_gamma   90.00
#
_symmetry.space_group_name_H-M   'P 1'
#
loop_
_entity.id
_entity.type
_entity.pdbx_description
1 polymer 'Capsid protein VP1'
2 polymer 'Capsid protein VP2'
3 polymer 'Capsid protein VP3'
#
loop_
_entity_poly.entity_id
_entity_poly.type
_entity_poly.pdbx_seq_one_letter_code
_entity_poly.pdbx_strand_id
1 'polypeptide(L)'
;SESSIENFLCRSACVYMGEYHTTNTDTSKLFASWTINARRMVQMRRKLELFTYVRFDMEVTFVITSKQDQGTQLGQDMPP
LTHQIMYIPPGGPIPKSVTDYTWQTSTNPSIFWTEGNAPPRMSIPFISIGNAYSNFYDGWSHFSQNGVYGYNTLNHMGQI
YVRHVNGSSPLPMTSTVRMYFKPKHVKVWVPRPPRLCQYKNASTVNFTPTNITEKRQSINYIPETV
;
A
2 'polypeptide(L)'
;RVRSITLGNSTITTQESANVVVAYGRWPEYLKDNEATAEDQPTQPDVATCRFYTLESVTWERDSPGWWWKFPDALKDMGL
FGQNMYYHYLGRAGYTIHVQCNASKFHQGCLMVVCVPEAEMGCSQVDGTVNEHSLSEGETAKKFASTSTNGTNTVQSIVT
NAGMGVGVGNLTIFPHQWINLRTNNCATIVMPYINNVPMDNMFRHHNFTLMIIPFVPLDYSSDSSTYVPITVTVAPMCAE
YNGLR
;
B
3 'polypeptide(L)'
;GLPVMNTPGSNQFLTSDDFQSPSAMPQFDVTPELNIPGEVQNLMEIAEVDSVVPVNNVEGKLDTMEIYRIPVQSGNHQSS
QVFGFQVQPGLDNVFKHTLLGEILNYYAHWSGSIKLTFVFCGSAMATGKFLLAYAPPGANAPKSRKDAMLGTHIIWDVGL
QSSCVLCIPWISQTHYRLVQQDEYTSAGNVTCWYQTGIVVPAGTPTSCSIMCFVSACNDFSVRLLKDTPFI
;
C
#
# COMPACT_ATOMS: atom_id res chain seq x y z
N SER A 1 -13.47 -3.99 16.95
CA SER A 1 -13.44 -5.42 17.22
C SER A 1 -13.59 -6.22 15.95
N GLU A 2 -14.48 -5.78 15.07
CA GLU A 2 -14.55 -6.36 13.75
C GLU A 2 -13.52 -5.78 12.80
N SER A 3 -12.79 -4.75 13.22
CA SER A 3 -11.68 -4.24 12.42
C SER A 3 -10.34 -4.77 12.88
N SER A 4 -10.32 -5.77 13.74
CA SER A 4 -9.03 -6.36 14.05
C SER A 4 -8.51 -7.11 12.82
N ILE A 5 -7.22 -7.43 12.85
CA ILE A 5 -6.60 -8.05 11.70
C ILE A 5 -7.17 -9.44 11.46
N GLU A 6 -7.32 -10.22 12.54
CA GLU A 6 -7.86 -11.56 12.41
C GLU A 6 -9.27 -11.57 11.83
N ASN A 7 -10.17 -10.72 12.31
CA ASN A 7 -11.52 -10.72 11.77
C ASN A 7 -11.59 -10.19 10.35
N PHE A 8 -10.64 -9.38 9.93
CA PHE A 8 -10.61 -8.85 8.58
C PHE A 8 -10.05 -9.85 7.56
N LEU A 9 -9.04 -10.63 7.93
CA LEU A 9 -8.42 -11.51 6.95
C LEU A 9 -8.81 -12.97 7.05
N CYS A 10 -9.11 -13.48 8.24
CA CYS A 10 -9.32 -14.91 8.46
C CYS A 10 -10.75 -15.29 8.06
N ARG A 11 -10.91 -15.55 6.77
CA ARG A 11 -12.19 -15.89 6.18
C ARG A 11 -11.98 -16.80 4.98
N SER A 12 -12.90 -17.72 4.78
CA SER A 12 -12.73 -18.80 3.82
C SER A 12 -13.24 -18.36 2.46
N ALA A 13 -12.64 -18.92 1.41
CA ALA A 13 -12.99 -18.53 0.05
C ALA A 13 -12.61 -19.63 -0.92
N CYS A 14 -13.38 -19.73 -1.99
CA CYS A 14 -13.07 -20.65 -3.07
C CYS A 14 -12.04 -20.03 -4.02
N VAL A 15 -10.87 -20.64 -4.11
CA VAL A 15 -9.80 -20.08 -4.92
C VAL A 15 -9.45 -20.91 -6.15
N TYR A 16 -9.92 -22.14 -6.27
CA TYR A 16 -9.62 -22.93 -7.45
C TYR A 16 -10.69 -23.99 -7.63
N MET A 17 -11.12 -24.17 -8.88
CA MET A 17 -12.10 -25.20 -9.26
C MET A 17 -11.55 -25.90 -10.49
N GLY A 18 -11.46 -27.23 -10.45
CA GLY A 18 -10.87 -28.00 -11.53
C GLY A 18 -11.57 -29.32 -11.80
N GLU A 19 -11.37 -29.84 -13.00
CA GLU A 19 -12.04 -31.05 -13.46
C GLU A 19 -11.01 -32.11 -13.86
N TYR A 20 -11.33 -33.39 -13.65
CA TYR A 20 -10.42 -34.47 -14.03
C TYR A 20 -11.17 -35.77 -14.25
N HIS A 21 -10.67 -36.57 -15.18
CA HIS A 21 -11.33 -37.80 -15.62
C HIS A 21 -10.56 -39.04 -15.17
N THR A 22 -11.22 -40.18 -15.26
CA THR A 22 -10.58 -41.47 -14.99
C THR A 22 -9.96 -42.08 -16.23
N THR A 23 -10.58 -41.88 -17.38
CA THR A 23 -10.05 -42.31 -18.66
C THR A 23 -10.13 -41.15 -19.62
N ASN A 24 -9.11 -40.99 -20.44
CA ASN A 24 -9.09 -39.94 -21.44
C ASN A 24 -7.97 -40.23 -22.42
N THR A 25 -7.95 -39.46 -23.50
CA THR A 25 -6.94 -39.58 -24.53
C THR A 25 -6.04 -38.34 -24.59
N ASP A 26 -5.94 -37.63 -23.48
CA ASP A 26 -5.05 -36.49 -23.33
C ASP A 26 -4.02 -36.69 -22.23
N THR A 27 -4.37 -37.43 -21.19
CA THR A 27 -3.47 -37.83 -20.10
C THR A 27 -3.03 -36.69 -19.21
N SER A 28 -3.36 -35.45 -19.58
CA SER A 28 -3.27 -34.34 -18.65
C SER A 28 -4.62 -34.03 -18.05
N LYS A 29 -5.69 -34.56 -18.62
CA LYS A 29 -7.02 -34.46 -18.07
C LYS A 29 -7.30 -35.52 -17.03
N LEU A 30 -6.30 -36.32 -16.68
CA LEU A 30 -6.46 -37.36 -15.69
C LEU A 30 -6.16 -36.90 -14.27
N PHE A 31 -5.70 -35.68 -14.09
CA PHE A 31 -5.44 -35.18 -12.75
C PHE A 31 -5.60 -33.68 -12.75
N ALA A 32 -5.73 -33.13 -11.56
CA ALA A 32 -5.89 -31.69 -11.38
C ALA A 32 -4.79 -31.15 -10.48
N SER A 33 -4.41 -29.89 -10.69
CA SER A 33 -3.27 -29.31 -10.00
C SER A 33 -3.48 -27.83 -9.78
N TRP A 34 -2.86 -27.33 -8.72
CA TRP A 34 -2.96 -25.92 -8.37
C TRP A 34 -1.69 -25.49 -7.64
N THR A 35 -1.16 -24.34 -8.01
CA THR A 35 -0.05 -23.72 -7.28
C THR A 35 -0.60 -22.73 -6.29
N ILE A 36 -0.14 -22.83 -5.05
CA ILE A 36 -0.68 -21.99 -3.98
C ILE A 36 -0.05 -20.60 -4.04
N ASN A 37 -0.84 -19.60 -4.37
CA ASN A 37 -0.52 -18.21 -4.07
C ASN A 37 -1.84 -17.46 -3.96
N ALA A 38 -1.76 -16.21 -3.55
CA ALA A 38 -2.95 -15.40 -3.27
C ALA A 38 -2.95 -14.19 -4.19
N ARG A 39 -2.75 -14.43 -5.48
CA ARG A 39 -2.72 -13.37 -6.47
C ARG A 39 -3.69 -13.59 -7.63
N ARG A 40 -4.39 -14.72 -7.69
CA ARG A 40 -5.40 -14.92 -8.71
C ARG A 40 -6.81 -14.89 -8.15
N MET A 41 -6.99 -14.52 -6.89
CA MET A 41 -8.28 -14.22 -6.31
C MET A 41 -8.38 -12.72 -6.06
N VAL A 42 -9.17 -12.02 -6.87
CA VAL A 42 -9.07 -10.58 -6.90
C VAL A 42 -9.55 -9.93 -5.61
N GLN A 43 -10.51 -10.53 -4.91
CA GLN A 43 -10.97 -9.91 -3.67
C GLN A 43 -10.02 -10.17 -2.52
N MET A 44 -9.44 -11.36 -2.43
CA MET A 44 -8.44 -11.55 -1.40
C MET A 44 -7.15 -10.80 -1.69
N ARG A 45 -6.75 -10.71 -2.96
CA ARG A 45 -5.55 -9.99 -3.33
C ARG A 45 -5.57 -8.56 -2.80
N ARG A 46 -6.69 -7.85 -3.00
CA ARG A 46 -6.76 -6.45 -2.62
C ARG A 46 -6.68 -6.26 -1.11
N LYS A 47 -7.38 -7.08 -0.35
CA LYS A 47 -7.26 -6.98 1.10
C LYS A 47 -5.86 -7.32 1.57
N LEU A 48 -5.18 -8.25 0.90
CA LEU A 48 -3.81 -8.55 1.30
C LEU A 48 -2.83 -7.46 0.91
N GLU A 49 -3.12 -6.67 -0.11
CA GLU A 49 -2.15 -5.66 -0.51
C GLU A 49 -2.10 -4.45 0.40
N LEU A 50 -2.95 -4.34 1.41
CA LEU A 50 -2.84 -3.23 2.34
C LEU A 50 -1.62 -3.34 3.23
N PHE A 51 -0.86 -4.42 3.15
CA PHE A 51 0.31 -4.61 3.98
C PHE A 51 1.45 -5.11 3.14
N THR A 52 2.65 -4.91 3.65
CA THR A 52 3.86 -5.26 2.93
C THR A 52 4.36 -6.64 3.34
N TYR A 53 4.24 -6.99 4.60
CA TYR A 53 4.67 -8.31 5.03
C TYR A 53 3.57 -9.01 5.79
N VAL A 54 3.40 -10.31 5.53
CA VAL A 54 2.35 -11.13 6.14
C VAL A 54 2.95 -12.42 6.65
N ARG A 55 2.29 -12.99 7.66
CA ARG A 55 2.64 -14.30 8.17
C ARG A 55 1.36 -15.00 8.58
N PHE A 56 1.12 -16.21 8.06
CA PHE A 56 -0.08 -16.97 8.41
C PHE A 56 0.14 -18.47 8.21
N ASP A 57 -0.75 -19.26 8.80
CA ASP A 57 -0.97 -20.67 8.50
C ASP A 57 -2.11 -20.82 7.50
N MET A 58 -2.14 -21.95 6.81
CA MET A 58 -3.18 -22.20 5.83
C MET A 58 -4.06 -23.37 6.27
N GLU A 59 -5.35 -23.29 5.96
CA GLU A 59 -6.27 -24.38 6.13
C GLU A 59 -7.01 -24.60 4.83
N VAL A 60 -7.04 -25.84 4.33
CA VAL A 60 -7.67 -26.13 3.04
C VAL A 60 -8.68 -27.24 3.17
N THR A 61 -9.88 -26.98 2.67
CA THR A 61 -10.98 -27.93 2.62
C THR A 61 -11.35 -28.16 1.16
N PHE A 62 -11.80 -29.38 0.84
CA PHE A 62 -12.01 -29.81 -0.52
C PHE A 62 -13.45 -30.32 -0.68
N VAL A 63 -14.14 -29.82 -1.70
CA VAL A 63 -15.49 -30.30 -2.01
C VAL A 63 -15.43 -30.97 -3.37
N ILE A 64 -15.86 -32.23 -3.44
CA ILE A 64 -15.58 -33.08 -4.59
C ILE A 64 -16.86 -33.75 -5.06
N THR A 65 -17.16 -33.63 -6.36
CA THR A 65 -18.39 -34.19 -6.93
C THR A 65 -18.09 -34.91 -8.24
N SER A 66 -18.81 -36.01 -8.48
CA SER A 66 -18.50 -36.90 -9.60
C SER A 66 -19.72 -37.06 -10.49
N LYS A 67 -19.49 -37.64 -11.68
CA LYS A 67 -20.55 -37.86 -12.64
C LYS A 67 -20.14 -38.95 -13.62
N GLN A 68 -21.09 -39.76 -14.05
CA GLN A 68 -20.84 -40.68 -15.15
C GLN A 68 -20.98 -39.95 -16.47
N ASP A 69 -20.01 -40.16 -17.35
CA ASP A 69 -19.99 -39.46 -18.63
C ASP A 69 -21.17 -39.90 -19.49
N GLN A 70 -21.74 -38.94 -20.22
CA GLN A 70 -22.90 -39.20 -21.07
C GLN A 70 -22.53 -40.01 -22.29
N GLY A 71 -21.41 -40.71 -22.28
CA GLY A 71 -21.03 -41.44 -23.46
C GLY A 71 -22.01 -42.51 -23.89
N THR A 72 -22.03 -43.70 -23.28
CA THR A 72 -23.12 -44.59 -23.70
C THR A 72 -23.67 -45.56 -22.66
N GLN A 73 -22.87 -46.08 -21.71
CA GLN A 73 -23.12 -47.41 -21.18
C GLN A 73 -23.81 -47.32 -19.81
N LEU A 74 -24.97 -47.96 -19.71
CA LEU A 74 -25.84 -47.85 -18.55
C LEU A 74 -26.02 -49.21 -17.88
N GLY A 75 -26.76 -49.21 -16.78
CA GLY A 75 -26.96 -50.40 -16.00
C GLY A 75 -25.83 -50.75 -15.06
N GLN A 76 -24.94 -49.80 -14.76
CA GLN A 76 -23.79 -50.05 -13.92
C GLN A 76 -24.18 -50.13 -12.45
N ASP A 77 -23.31 -50.74 -11.65
CA ASP A 77 -23.49 -50.89 -10.21
C ASP A 77 -22.13 -50.60 -9.56
N MET A 78 -21.92 -49.39 -9.14
CA MET A 78 -20.53 -49.10 -8.78
C MET A 78 -20.38 -48.81 -7.29
N PRO A 79 -19.30 -49.27 -6.68
CA PRO A 79 -18.96 -48.82 -5.34
C PRO A 79 -18.59 -47.35 -5.34
N PRO A 80 -18.57 -46.70 -4.18
CA PRO A 80 -18.18 -45.28 -4.13
C PRO A 80 -16.71 -45.08 -4.48
N LEU A 81 -16.41 -43.92 -5.03
CA LEU A 81 -15.11 -43.64 -5.60
C LEU A 81 -14.14 -43.10 -4.56
N THR A 82 -12.87 -43.41 -4.73
CA THR A 82 -11.80 -42.97 -3.85
C THR A 82 -10.91 -41.97 -4.59
N HIS A 83 -10.41 -41.00 -3.85
CA HIS A 83 -9.60 -39.93 -4.39
C HIS A 83 -8.37 -39.75 -3.53
N GLN A 84 -7.31 -39.27 -4.17
CA GLN A 84 -6.05 -38.95 -3.50
C GLN A 84 -5.71 -37.49 -3.73
N ILE A 85 -5.43 -36.79 -2.63
CA ILE A 85 -5.09 -35.37 -2.61
C ILE A 85 -3.70 -35.25 -2.03
N MET A 86 -2.73 -34.83 -2.84
CA MET A 86 -1.32 -34.77 -2.45
C MET A 86 -0.85 -33.33 -2.38
N TYR A 87 -0.17 -33.00 -1.29
CA TYR A 87 0.50 -31.71 -1.12
C TYR A 87 1.98 -31.87 -1.33
N ILE A 88 2.58 -30.99 -2.13
CA ILE A 88 4.01 -30.99 -2.35
C ILE A 88 4.59 -29.75 -1.70
N PRO A 89 5.52 -29.91 -0.77
CA PRO A 89 6.23 -28.78 -0.18
C PRO A 89 7.12 -28.11 -1.20
N PRO A 90 7.65 -26.94 -0.89
CA PRO A 90 8.65 -26.34 -1.76
C PRO A 90 9.95 -27.14 -1.79
N GLY A 91 10.38 -27.51 -2.99
CA GLY A 91 11.51 -28.41 -3.12
C GLY A 91 11.10 -29.86 -3.11
N GLY A 92 10.07 -30.20 -3.86
CA GLY A 92 9.56 -31.54 -3.93
C GLY A 92 9.39 -32.01 -5.36
N PRO A 93 9.23 -33.32 -5.55
CA PRO A 93 9.02 -33.85 -6.90
C PRO A 93 7.60 -33.62 -7.38
N ILE A 94 7.49 -33.31 -8.67
CA ILE A 94 6.23 -32.97 -9.32
C ILE A 94 5.86 -34.14 -10.23
N PRO A 95 4.64 -34.63 -10.18
CA PRO A 95 4.23 -35.68 -11.12
C PRO A 95 3.95 -35.11 -12.50
N LYS A 96 4.14 -35.96 -13.50
CA LYS A 96 3.76 -35.60 -14.86
C LYS A 96 2.76 -36.54 -15.50
N SER A 97 2.59 -37.75 -14.97
CA SER A 97 1.51 -38.63 -15.36
C SER A 97 0.79 -39.06 -14.09
N VAL A 98 -0.35 -39.72 -14.24
CA VAL A 98 -1.04 -40.25 -13.07
C VAL A 98 -0.47 -41.57 -12.62
N THR A 99 0.50 -42.11 -13.34
CA THR A 99 1.10 -43.40 -13.04
C THR A 99 2.52 -43.23 -12.52
N ASP A 100 2.92 -41.99 -12.28
CA ASP A 100 4.28 -41.65 -11.93
C ASP A 100 4.65 -42.20 -10.56
N TYR A 101 5.95 -42.28 -10.30
CA TYR A 101 6.46 -42.71 -9.01
C TYR A 101 6.23 -41.69 -7.91
N THR A 102 6.17 -40.40 -8.24
CA THR A 102 6.04 -39.36 -7.22
C THR A 102 4.71 -39.39 -6.48
N TRP A 103 3.69 -40.05 -7.00
CA TRP A 103 2.46 -40.22 -6.24
C TRP A 103 2.67 -41.16 -5.06
N GLN A 104 3.87 -41.70 -4.86
CA GLN A 104 4.17 -42.58 -3.75
C GLN A 104 5.36 -42.14 -2.90
N THR A 105 5.81 -40.89 -3.00
CA THR A 105 6.99 -40.53 -2.23
C THR A 105 6.60 -40.26 -0.80
N SER A 106 7.44 -40.73 0.11
CA SER A 106 7.11 -40.73 1.52
C SER A 106 7.09 -39.34 2.12
N THR A 107 7.67 -38.34 1.46
CA THR A 107 7.72 -37.00 2.03
C THR A 107 6.70 -36.05 1.42
N ASN A 108 5.88 -36.50 0.49
CA ASN A 108 4.76 -35.70 0.05
C ASN A 108 3.50 -36.10 0.82
N PRO A 109 3.01 -35.29 1.76
CA PRO A 109 1.82 -35.65 2.52
C PRO A 109 0.59 -35.79 1.63
N SER A 110 -0.25 -36.76 1.97
CA SER A 110 -1.31 -37.20 1.08
C SER A 110 -2.55 -37.60 1.90
N ILE A 111 -3.72 -37.43 1.28
CA ILE A 111 -5.00 -37.74 1.90
C ILE A 111 -5.77 -38.68 0.99
N PHE A 112 -6.35 -39.72 1.56
CA PHE A 112 -7.18 -40.68 0.84
C PHE A 112 -8.60 -40.57 1.34
N TRP A 113 -9.56 -40.43 0.43
CA TRP A 113 -10.92 -40.10 0.83
C TRP A 113 -11.92 -40.76 -0.11
N THR A 114 -13.03 -41.26 0.44
CA THR A 114 -14.08 -41.84 -0.38
C THR A 114 -15.38 -41.08 -0.21
N GLU A 115 -16.10 -40.95 -1.31
CA GLU A 115 -17.31 -40.13 -1.38
C GLU A 115 -18.38 -40.63 -0.42
N GLY A 116 -19.24 -39.71 -0.01
CA GLY A 116 -20.27 -39.98 0.96
C GLY A 116 -19.95 -39.51 2.36
N ASN A 117 -18.68 -39.32 2.68
CA ASN A 117 -18.24 -38.92 4.01
C ASN A 117 -18.14 -37.39 4.09
N ALA A 118 -17.68 -36.90 5.23
CA ALA A 118 -17.45 -35.48 5.43
C ALA A 118 -16.32 -35.01 4.53
N PRO A 119 -16.28 -33.72 4.18
CA PRO A 119 -15.27 -33.22 3.25
C PRO A 119 -13.89 -33.17 3.89
N PRO A 120 -12.86 -33.52 3.13
CA PRO A 120 -11.52 -33.64 3.73
C PRO A 120 -10.86 -32.27 3.94
N ARG A 121 -9.85 -32.26 4.80
CA ARG A 121 -9.29 -31.01 5.27
C ARG A 121 -7.86 -31.21 5.76
N MET A 122 -6.94 -30.37 5.30
CA MET A 122 -5.58 -30.39 5.86
C MET A 122 -5.11 -28.99 6.25
N SER A 123 -4.15 -28.97 7.16
CA SER A 123 -3.62 -27.76 7.78
C SER A 123 -2.12 -27.64 7.54
N ILE A 124 -1.70 -26.55 6.92
CA ILE A 124 -0.31 -26.32 6.52
C ILE A 124 0.28 -25.20 7.37
N PRO A 125 1.48 -25.36 7.93
CA PRO A 125 2.08 -24.27 8.72
C PRO A 125 2.74 -23.19 7.88
N PHE A 126 3.29 -22.16 8.53
CA PHE A 126 4.11 -21.16 7.87
C PHE A 126 5.40 -21.80 7.33
N ILE A 127 5.54 -21.92 6.02
CA ILE A 127 6.67 -22.63 5.43
C ILE A 127 7.59 -21.70 4.67
N SER A 128 8.58 -21.15 5.32
CA SER A 128 9.47 -20.27 4.60
C SER A 128 10.75 -20.21 5.39
N ILE A 129 11.88 -20.23 4.69
CA ILE A 129 13.14 -20.02 5.37
C ILE A 129 13.36 -18.56 5.72
N GLY A 130 12.52 -17.66 5.21
CA GLY A 130 12.50 -16.29 5.67
C GLY A 130 11.58 -16.12 6.87
N ASN A 131 11.48 -14.89 7.33
CA ASN A 131 10.73 -14.61 8.54
C ASN A 131 9.31 -14.12 8.29
N ALA A 132 8.97 -13.78 7.05
CA ALA A 132 7.63 -13.38 6.68
C ALA A 132 7.51 -13.53 5.18
N TYR A 133 6.27 -13.56 4.70
CA TYR A 133 5.99 -13.45 3.28
C TYR A 133 5.97 -11.99 2.87
N SER A 134 6.14 -11.73 1.58
CA SER A 134 6.10 -10.36 1.10
C SER A 134 5.12 -10.23 -0.04
N ASN A 135 4.28 -9.20 0.02
CA ASN A 135 3.33 -8.94 -1.05
C ASN A 135 3.94 -8.10 -2.15
N PHE A 136 5.08 -7.48 -1.88
CA PHE A 136 5.73 -6.55 -2.80
C PHE A 136 7.23 -6.78 -2.73
N TYR A 137 7.88 -6.86 -3.88
CA TYR A 137 9.32 -7.11 -3.93
C TYR A 137 9.94 -6.24 -5.02
N ASP A 138 10.79 -5.31 -4.63
CA ASP A 138 11.41 -4.37 -5.56
C ASP A 138 12.80 -4.84 -5.95
N GLY A 139 12.85 -5.99 -6.60
CA GLY A 139 14.12 -6.63 -6.87
C GLY A 139 14.06 -7.56 -8.05
N TRP A 140 15.08 -8.40 -8.14
CA TRP A 140 15.22 -9.38 -9.22
C TRP A 140 15.36 -10.76 -8.62
N SER A 141 14.89 -11.76 -9.35
CA SER A 141 14.85 -13.11 -8.81
C SER A 141 16.26 -13.67 -8.61
N HIS A 142 17.18 -13.25 -9.45
CA HIS A 142 18.59 -13.55 -9.25
C HIS A 142 19.38 -12.60 -10.13
N GLY A 147 16.36 -13.62 -14.87
CA GLY A 147 16.07 -12.58 -13.90
C GLY A 147 14.73 -11.92 -14.13
N VAL A 148 13.82 -12.09 -13.19
CA VAL A 148 12.47 -11.55 -13.27
C VAL A 148 12.31 -10.44 -12.24
N TYR A 149 11.81 -9.30 -12.69
CA TYR A 149 11.52 -8.21 -11.76
C TYR A 149 10.29 -8.52 -10.93
N GLY A 150 10.40 -8.31 -9.63
CA GLY A 150 9.26 -8.39 -8.74
C GLY A 150 8.93 -9.76 -8.21
N TYR A 151 9.83 -10.72 -8.29
CA TYR A 151 9.54 -12.11 -7.98
C TYR A 151 10.63 -12.66 -7.07
N ASN A 152 10.30 -12.98 -5.83
CA ASN A 152 11.33 -13.57 -4.99
C ASN A 152 10.91 -14.95 -4.47
N THR A 153 11.90 -15.82 -4.43
CA THR A 153 11.71 -17.25 -4.25
C THR A 153 11.36 -17.63 -2.83
N LEU A 154 11.45 -16.71 -1.88
CA LEU A 154 10.98 -16.98 -0.54
C LEU A 154 9.46 -17.09 -0.43
N ASN A 155 8.72 -16.74 -1.47
CA ASN A 155 7.26 -16.80 -1.40
C ASN A 155 6.68 -18.12 -1.88
N HIS A 156 7.51 -19.13 -2.16
CA HIS A 156 7.01 -20.42 -2.58
C HIS A 156 6.23 -21.07 -1.45
N MET A 157 5.04 -21.59 -1.77
CA MET A 157 4.22 -22.20 -0.74
C MET A 157 3.82 -23.64 -1.03
N GLY A 158 4.11 -24.18 -2.21
CA GLY A 158 3.88 -25.57 -2.51
C GLY A 158 2.83 -25.74 -3.58
N GLN A 159 2.35 -26.97 -3.73
CA GLN A 159 1.35 -27.27 -4.76
C GLN A 159 0.40 -28.35 -4.25
N ILE A 160 -0.77 -28.46 -4.90
CA ILE A 160 -1.76 -29.49 -4.62
C ILE A 160 -2.10 -30.23 -5.91
N TYR A 161 -2.22 -31.55 -5.82
CA TYR A 161 -2.54 -32.43 -6.93
C TYR A 161 -3.61 -33.44 -6.53
N VAL A 162 -4.57 -33.71 -7.40
CA VAL A 162 -5.68 -34.60 -7.10
C VAL A 162 -5.88 -35.59 -8.25
N ARG A 163 -6.08 -36.86 -7.88
CA ARG A 163 -6.34 -37.93 -8.85
C ARG A 163 -7.33 -38.95 -8.26
N HIS A 164 -7.79 -39.87 -9.10
CA HIS A 164 -8.57 -41.03 -8.71
C HIS A 164 -7.68 -42.21 -8.30
N VAL A 165 -8.22 -43.06 -7.43
CA VAL A 165 -7.46 -44.15 -6.80
C VAL A 165 -7.99 -45.52 -7.23
N ASN A 166 -8.34 -45.67 -8.50
CA ASN A 166 -8.85 -46.94 -8.98
C ASN A 166 -7.72 -47.94 -9.18
N GLY A 167 -8.07 -49.08 -9.79
CA GLY A 167 -7.08 -50.05 -10.20
C GLY A 167 -6.78 -49.97 -11.69
N SER A 168 -6.85 -51.09 -12.39
CA SER A 168 -6.53 -51.16 -13.81
C SER A 168 -7.80 -51.20 -14.64
N SER A 169 -7.77 -50.49 -15.75
CA SER A 169 -8.91 -50.39 -16.67
C SER A 169 -10.19 -49.92 -15.98
N PRO A 170 -10.21 -48.69 -15.48
CA PRO A 170 -11.39 -48.23 -14.75
C PRO A 170 -12.53 -47.83 -15.68
N LEU A 171 -13.66 -47.59 -15.10
CA LEU A 171 -14.84 -47.12 -15.81
C LEU A 171 -14.80 -45.60 -15.93
N PRO A 172 -15.38 -45.04 -17.00
CA PRO A 172 -15.31 -43.59 -17.23
C PRO A 172 -16.14 -42.78 -16.25
N MET A 173 -15.52 -41.74 -15.69
CA MET A 173 -16.10 -40.88 -14.67
C MET A 173 -15.44 -39.50 -14.79
N THR A 174 -16.16 -38.46 -14.42
CA THR A 174 -15.62 -37.10 -14.40
C THR A 174 -15.85 -36.48 -13.04
N SER A 175 -14.81 -35.93 -12.43
CA SER A 175 -14.89 -35.32 -11.12
C SER A 175 -14.52 -33.84 -11.17
N THR A 176 -15.08 -33.09 -10.24
CA THR A 176 -14.79 -31.68 -10.05
C THR A 176 -14.38 -31.47 -8.61
N VAL A 177 -13.31 -30.72 -8.39
CA VAL A 177 -12.85 -30.36 -7.06
C VAL A 177 -12.93 -28.84 -6.92
N ARG A 178 -13.34 -28.39 -5.74
CA ARG A 178 -13.32 -26.99 -5.35
C ARG A 178 -12.47 -26.88 -4.09
N MET A 179 -11.53 -25.95 -4.08
CA MET A 179 -10.65 -25.78 -2.94
C MET A 179 -11.03 -24.52 -2.18
N TYR A 180 -11.25 -24.66 -0.89
CA TYR A 180 -11.55 -23.53 -0.01
C TYR A 180 -10.35 -23.31 0.88
N PHE A 181 -9.90 -22.06 0.91
CA PHE A 181 -8.64 -21.68 1.54
C PHE A 181 -8.90 -20.67 2.64
N LYS A 182 -8.18 -20.82 3.75
CA LYS A 182 -8.32 -19.88 4.83
C LYS A 182 -7.02 -19.65 5.59
N PRO A 183 -6.55 -18.42 5.68
CA PRO A 183 -5.39 -18.11 6.53
C PRO A 183 -5.76 -17.99 8.00
N LYS A 184 -4.82 -18.34 8.86
CA LYS A 184 -5.04 -18.33 10.29
C LYS A 184 -3.81 -17.80 11.01
N HIS A 185 -4.02 -17.30 12.23
CA HIS A 185 -2.97 -16.76 13.09
C HIS A 185 -2.09 -15.75 12.35
N VAL A 186 -2.71 -14.69 11.94
CA VAL A 186 -2.17 -13.77 10.95
C VAL A 186 -1.45 -12.61 11.62
N LYS A 187 -0.33 -12.17 11.04
CA LYS A 187 0.36 -10.95 11.47
C LYS A 187 0.83 -10.16 10.25
N VAL A 188 0.68 -8.83 10.30
CA VAL A 188 0.97 -7.95 9.18
C VAL A 188 1.88 -6.80 9.58
N TRP A 189 2.65 -6.30 8.61
CA TRP A 189 3.58 -5.21 8.80
C TRP A 189 3.56 -4.24 7.62
N VAL A 190 3.78 -2.97 7.94
CA VAL A 190 3.92 -1.82 7.03
C VAL A 190 2.71 -1.58 6.14
N PRO A 191 1.70 -0.84 6.61
CA PRO A 191 0.52 -0.55 5.79
C PRO A 191 0.82 0.29 4.55
N ARG A 192 -0.02 0.12 3.54
CA ARG A 192 0.12 0.71 2.22
C ARG A 192 -1.19 1.34 1.78
N PRO A 193 -1.18 2.16 0.75
CA PRO A 193 -2.44 2.68 0.21
C PRO A 193 -3.17 1.63 -0.58
N PRO A 194 -4.49 1.74 -0.71
CA PRO A 194 -5.28 0.75 -1.44
C PRO A 194 -5.13 0.87 -2.94
N ARG A 195 -5.23 -0.28 -3.61
CA ARG A 195 -5.08 -0.33 -5.05
C ARG A 195 -6.20 0.49 -5.68
N LEU A 196 -5.82 1.45 -6.52
CA LEU A 196 -6.81 2.31 -7.17
C LEU A 196 -7.13 1.83 -8.57
N CYS A 197 -6.22 1.15 -9.25
CA CYS A 197 -6.47 0.73 -10.63
C CYS A 197 -6.86 -0.74 -10.67
N GLN A 198 -7.45 -1.17 -11.78
CA GLN A 198 -7.78 -2.59 -11.95
C GLN A 198 -6.51 -3.40 -12.20
N TYR A 199 -6.53 -4.66 -11.75
CA TYR A 199 -5.40 -5.56 -11.97
C TYR A 199 -5.41 -6.09 -13.40
N LYS A 200 -4.23 -6.33 -13.95
CA LYS A 200 -4.10 -6.64 -15.37
C LYS A 200 -3.63 -8.07 -15.61
N ASN A 201 -2.72 -8.55 -14.78
CA ASN A 201 -2.29 -9.93 -14.79
C ASN A 201 -1.91 -10.32 -13.37
N ALA A 202 -1.49 -11.57 -13.18
CA ALA A 202 -1.33 -12.13 -11.86
C ALA A 202 0.09 -12.05 -11.33
N SER A 203 1.03 -11.61 -12.12
CA SER A 203 2.38 -11.59 -11.57
C SER A 203 2.95 -10.19 -11.40
N THR A 204 2.45 -9.20 -12.11
CA THR A 204 3.01 -7.86 -12.04
C THR A 204 2.07 -6.94 -11.28
N VAL A 205 2.48 -5.68 -11.15
CA VAL A 205 1.62 -4.60 -10.68
C VAL A 205 1.18 -3.71 -11.83
N ASN A 206 1.22 -4.19 -13.07
CA ASN A 206 0.96 -3.35 -14.23
C ASN A 206 -0.48 -2.83 -14.23
N PHE A 207 -0.68 -1.67 -14.84
CA PHE A 207 -1.94 -0.95 -14.73
C PHE A 207 -2.03 0.05 -15.87
N THR A 208 -3.26 0.44 -16.21
CA THR A 208 -3.47 1.61 -17.05
C THR A 208 -3.88 2.79 -16.18
N PRO A 209 -3.37 3.99 -16.47
CA PRO A 209 -3.71 5.17 -15.66
C PRO A 209 -5.19 5.44 -15.47
N THR A 210 -5.56 5.80 -14.24
CA THR A 210 -6.94 5.91 -13.81
C THR A 210 -7.21 7.29 -13.22
N ASN A 211 -8.46 7.72 -13.29
CA ASN A 211 -8.87 8.98 -12.69
C ASN A 211 -8.82 8.91 -11.16
N ILE A 212 -8.60 10.06 -10.53
CA ILE A 212 -8.46 10.10 -9.08
C ILE A 212 -9.80 9.85 -8.39
N THR A 213 -10.89 10.32 -8.99
CA THR A 213 -12.25 10.16 -8.49
C THR A 213 -13.19 10.65 -9.59
N GLU A 214 -14.50 10.65 -9.31
CA GLU A 214 -15.49 11.07 -10.30
C GLU A 214 -15.87 12.53 -10.10
N LYS A 215 -16.48 13.12 -11.13
CA LYS A 215 -16.74 14.55 -11.11
C LYS A 215 -18.07 14.88 -10.45
N ARG A 216 -18.20 16.16 -10.09
CA ARG A 216 -19.47 16.78 -9.76
C ARG A 216 -19.64 18.02 -10.63
N GLN A 217 -20.66 18.80 -10.31
CA GLN A 217 -21.10 19.90 -11.15
C GLN A 217 -20.20 21.12 -11.04
N SER A 218 -19.88 21.54 -9.81
CA SER A 218 -18.97 22.64 -9.56
C SER A 218 -18.37 22.45 -8.17
N ILE A 219 -17.35 23.26 -7.88
CA ILE A 219 -16.69 23.20 -6.58
C ILE A 219 -17.55 23.75 -5.46
N ASN A 220 -18.72 24.31 -5.76
CA ASN A 220 -19.63 24.74 -4.72
C ASN A 220 -20.83 23.81 -4.54
N TYR A 221 -21.05 22.88 -5.47
CA TYR A 221 -22.32 22.17 -5.52
C TYR A 221 -22.55 21.26 -4.31
N ILE A 222 -23.66 21.50 -3.61
CA ILE A 222 -24.17 20.64 -2.56
C ILE A 222 -25.62 20.32 -2.90
N PRO A 223 -26.06 19.07 -2.83
CA PRO A 223 -27.43 18.75 -3.25
C PRO A 223 -28.48 19.24 -2.28
N GLU A 224 -29.64 19.60 -2.85
CA GLU A 224 -30.76 20.16 -2.11
C GLU A 224 -31.18 19.26 -0.95
N THR A 225 -31.45 19.86 0.21
CA THR A 225 -31.74 19.08 1.41
C THR A 225 -33.21 18.70 1.49
N VAL A 226 -33.48 17.45 1.84
CA VAL A 226 -34.83 16.91 1.96
C VAL A 226 -35.56 17.51 3.15
N ARG B 1 20.51 30.54 16.82
CA ARG B 1 19.56 29.48 16.51
C ARG B 1 19.94 28.73 15.23
N VAL B 2 21.22 28.39 15.12
CA VAL B 2 21.76 27.56 14.05
C VAL B 2 22.66 26.52 14.68
N ARG B 3 22.51 25.27 14.28
CA ARG B 3 23.37 24.20 14.75
C ARG B 3 24.31 23.77 13.63
N SER B 4 25.51 23.35 14.01
CA SER B 4 26.53 22.92 13.08
C SER B 4 26.89 21.47 13.41
N ILE B 5 26.74 20.58 12.44
CA ILE B 5 26.86 19.15 12.69
C ILE B 5 28.04 18.61 11.89
N THR B 6 28.92 17.87 12.57
CA THR B 6 30.09 17.25 11.95
C THR B 6 30.04 15.73 12.10
N LEU B 7 30.04 15.02 10.98
CA LEU B 7 30.17 13.57 10.93
C LEU B 7 31.45 13.25 10.17
N GLY B 8 32.46 12.74 10.86
CA GLY B 8 33.70 12.40 10.20
C GLY B 8 34.48 13.61 9.76
N ASN B 9 34.76 13.73 8.48
CA ASN B 9 35.37 14.94 7.94
C ASN B 9 34.38 15.75 7.12
N SER B 10 33.10 15.67 7.45
CA SER B 10 32.02 16.41 6.82
C SER B 10 31.43 17.39 7.83
N THR B 11 30.97 18.53 7.35
CA THR B 11 30.24 19.44 8.21
C THR B 11 29.12 20.09 7.41
N ILE B 12 27.91 20.08 7.97
CA ILE B 12 26.79 20.82 7.41
C ILE B 12 26.17 21.65 8.52
N THR B 13 25.27 22.55 8.14
CA THR B 13 24.63 23.47 9.08
C THR B 13 23.13 23.40 8.91
N THR B 14 22.42 23.26 10.02
CA THR B 14 20.96 23.23 9.99
C THR B 14 20.43 24.21 11.03
N GLN B 15 19.11 24.29 11.11
CA GLN B 15 18.48 25.10 12.15
C GLN B 15 18.05 24.23 13.32
N GLU B 16 18.26 24.73 14.52
CA GLU B 16 17.93 23.96 15.72
C GLU B 16 16.44 23.76 15.90
N SER B 17 15.61 24.54 15.19
CA SER B 17 14.16 24.39 15.19
C SER B 17 13.67 23.32 14.22
N ALA B 18 14.53 22.38 13.84
CA ALA B 18 14.13 21.34 12.91
C ALA B 18 13.09 20.42 13.52
N ASN B 19 12.33 19.76 12.66
CA ASN B 19 11.43 18.69 13.06
C ASN B 19 11.87 17.38 12.41
N VAL B 20 11.86 16.29 13.18
CA VAL B 20 12.43 15.02 12.75
C VAL B 20 11.38 13.93 12.84
N VAL B 21 11.22 13.18 11.77
CA VAL B 21 10.34 12.01 11.73
C VAL B 21 11.20 10.77 11.87
N VAL B 22 10.99 10.01 12.94
CA VAL B 22 11.53 8.67 13.08
C VAL B 22 10.46 7.72 12.54
N ALA B 23 10.80 6.98 11.49
CA ALA B 23 9.86 6.35 10.56
C ALA B 23 8.67 5.62 11.18
N TYR B 24 8.88 4.59 11.96
CA TYR B 24 7.74 3.92 12.59
C TYR B 24 7.88 3.93 14.10
N GLY B 25 8.59 4.92 14.63
CA GLY B 25 8.98 4.93 16.01
C GLY B 25 10.30 4.27 16.32
N ARG B 26 10.96 3.67 15.33
CA ARG B 26 12.13 2.84 15.54
C ARG B 26 13.38 3.53 15.03
N TRP B 27 14.32 3.75 15.91
CA TRP B 27 15.67 4.19 15.57
C TRP B 27 16.46 3.03 14.99
N PRO B 28 17.48 3.32 14.17
CA PRO B 28 18.30 2.24 13.62
C PRO B 28 19.18 1.62 14.67
N GLU B 29 19.55 0.36 14.45
CA GLU B 29 20.38 -0.35 15.40
C GLU B 29 20.93 -1.62 14.76
N TYR B 30 21.96 -2.19 15.39
CA TYR B 30 22.56 -3.45 14.95
C TYR B 30 21.67 -4.63 15.32
N LEU B 31 21.54 -5.58 14.41
CA LEU B 31 20.99 -6.88 14.79
C LEU B 31 21.87 -7.44 15.89
N LYS B 32 21.27 -7.72 17.04
CA LYS B 32 22.03 -7.59 18.27
C LYS B 32 23.23 -8.52 18.37
N ASP B 33 23.04 -9.81 18.64
CA ASP B 33 24.17 -10.71 18.47
C ASP B 33 23.82 -12.08 17.90
N ASN B 34 22.71 -12.67 18.35
CA ASN B 34 22.57 -14.11 18.29
C ASN B 34 21.29 -14.53 17.58
N GLU B 35 21.03 -13.95 16.41
CA GLU B 35 20.14 -14.56 15.45
C GLU B 35 20.77 -15.81 14.81
N ALA B 36 22.06 -15.75 14.46
CA ALA B 36 22.74 -16.80 13.71
C ALA B 36 24.14 -17.07 14.27
N THR B 37 24.21 -17.34 15.58
CA THR B 37 25.44 -17.26 16.36
C THR B 37 26.69 -17.80 15.67
N ALA B 38 26.65 -19.06 15.19
CA ALA B 38 27.88 -19.85 15.10
C ALA B 38 28.76 -19.45 13.92
N GLU B 39 28.27 -19.66 12.69
CA GLU B 39 29.02 -19.30 11.50
C GLU B 39 28.43 -18.12 10.76
N ASP B 40 27.74 -17.22 11.43
CA ASP B 40 27.33 -15.98 10.81
C ASP B 40 27.82 -14.83 11.67
N GLN B 41 29.08 -14.44 11.48
CA GLN B 41 29.63 -13.34 12.24
C GLN B 41 29.67 -12.10 11.37
N PRO B 42 29.11 -11.01 11.82
CA PRO B 42 29.15 -9.79 11.02
C PRO B 42 30.31 -8.89 11.40
N THR B 43 30.50 -7.84 10.62
CA THR B 43 31.43 -6.79 10.94
C THR B 43 30.77 -5.46 10.58
N GLN B 44 31.33 -4.37 11.08
CA GLN B 44 30.79 -3.05 10.84
C GLN B 44 31.91 -2.10 10.44
N PRO B 45 31.69 -1.26 9.43
CA PRO B 45 32.77 -0.38 8.97
C PRO B 45 33.05 0.79 9.90
N ASP B 46 32.02 1.60 10.17
CA ASP B 46 32.10 2.72 11.10
C ASP B 46 33.34 3.59 10.87
N VAL B 47 33.65 3.84 9.60
CA VAL B 47 34.91 4.52 9.28
C VAL B 47 34.61 5.77 8.52
N ALA B 48 34.08 5.58 7.31
CA ALA B 48 33.60 6.64 6.45
C ALA B 48 32.33 6.22 5.78
N THR B 49 31.58 5.34 6.43
CA THR B 49 30.17 5.23 6.14
C THR B 49 29.34 6.20 6.96
N CYS B 50 29.79 6.57 8.15
CA CYS B 50 29.07 7.54 8.96
C CYS B 50 29.66 8.91 8.66
N ARG B 51 29.02 9.60 7.71
CA ARG B 51 29.52 10.81 7.09
C ARG B 51 28.42 11.29 6.16
N PHE B 52 28.36 12.60 5.92
CA PHE B 52 27.34 13.18 5.05
C PHE B 52 27.76 13.07 3.59
N TYR B 53 26.90 12.50 2.76
CA TYR B 53 27.10 12.47 1.33
C TYR B 53 26.06 13.39 0.71
N THR B 54 26.49 14.28 -0.16
CA THR B 54 25.61 15.26 -0.77
C THR B 54 25.53 15.07 -2.26
N LEU B 55 24.32 14.85 -2.78
CA LEU B 55 24.10 14.64 -4.20
C LEU B 55 24.06 15.97 -4.92
N GLU B 56 23.88 15.95 -6.24
CA GLU B 56 23.63 17.20 -6.94
C GLU B 56 22.24 17.73 -6.63
N SER B 57 22.11 19.04 -6.63
CA SER B 57 20.83 19.68 -6.44
C SER B 57 19.94 19.47 -7.64
N VAL B 58 18.63 19.50 -7.41
CA VAL B 58 17.68 19.51 -8.51
C VAL B 58 17.02 20.88 -8.58
N THR B 59 16.46 21.16 -9.74
CA THR B 59 15.94 22.48 -10.09
C THR B 59 14.42 22.42 -10.19
N TRP B 60 13.73 23.12 -9.30
CA TRP B 60 12.27 23.15 -9.22
C TRP B 60 11.80 24.34 -10.05
N GLU B 61 11.15 24.08 -11.16
CA GLU B 61 10.60 25.12 -12.01
C GLU B 61 9.08 25.06 -11.99
N ARG B 62 8.46 25.88 -12.84
CA ARG B 62 7.00 26.03 -12.79
C ARG B 62 6.29 24.73 -13.13
N ASP B 63 6.80 23.98 -14.09
CA ASP B 63 6.23 22.69 -14.47
C ASP B 63 7.27 21.61 -14.16
N SER B 64 7.27 21.15 -12.92
CA SER B 64 8.12 20.04 -12.51
C SER B 64 7.20 18.98 -11.94
N PRO B 65 7.13 17.82 -12.52
CA PRO B 65 6.27 16.78 -11.97
C PRO B 65 6.83 16.14 -10.70
N GLY B 66 8.11 15.85 -10.62
CA GLY B 66 8.70 15.29 -9.41
C GLY B 66 9.92 14.47 -9.70
N TRP B 67 10.51 13.95 -8.62
CA TRP B 67 11.78 13.22 -8.68
C TRP B 67 11.76 12.02 -7.76
N TRP B 68 12.53 10.98 -8.12
CA TRP B 68 12.68 9.83 -7.23
C TRP B 68 14.07 9.21 -7.32
N TRP B 69 14.50 8.61 -6.22
CA TRP B 69 15.78 7.93 -6.08
C TRP B 69 15.57 6.57 -5.41
N LYS B 70 16.45 5.62 -5.71
CA LYS B 70 16.39 4.27 -5.13
C LYS B 70 17.54 4.04 -4.16
N PHE B 71 17.25 3.33 -3.07
CA PHE B 71 18.21 3.14 -1.99
C PHE B 71 18.31 1.66 -1.64
N PRO B 72 19.53 1.08 -1.64
CA PRO B 72 20.72 1.83 -2.02
C PRO B 72 20.91 1.81 -3.51
N ASP B 73 22.13 2.04 -3.95
CA ASP B 73 22.63 2.22 -5.30
C ASP B 73 22.50 3.65 -5.78
N ALA B 74 21.86 4.51 -5.02
CA ALA B 74 22.11 5.93 -5.19
C ALA B 74 23.45 6.30 -4.61
N LEU B 75 24.08 5.38 -3.89
CA LEU B 75 25.34 5.60 -3.21
C LEU B 75 26.38 4.56 -3.63
N LYS B 76 26.20 3.95 -4.80
CA LYS B 76 27.15 2.92 -5.22
C LYS B 76 28.45 3.51 -5.75
N ASP B 77 28.51 4.82 -5.97
CA ASP B 77 29.75 5.49 -6.30
C ASP B 77 30.21 6.45 -5.22
N MET B 78 29.70 6.31 -4.00
CA MET B 78 29.97 7.30 -2.95
C MET B 78 31.06 6.80 -2.01
N GLY B 79 32.29 6.85 -2.49
CA GLY B 79 33.41 6.66 -1.58
C GLY B 79 33.43 5.27 -0.98
N LEU B 80 33.62 5.21 0.33
CA LEU B 80 33.78 3.94 1.02
C LEU B 80 32.49 3.15 1.10
N PHE B 81 31.35 3.79 1.42
CA PHE B 81 30.10 3.04 1.47
C PHE B 81 29.84 2.31 0.16
N GLY B 82 30.29 2.86 -0.96
CA GLY B 82 30.19 2.18 -2.24
C GLY B 82 31.21 1.09 -2.44
N GLN B 83 32.41 1.24 -1.88
CA GLN B 83 33.40 0.17 -1.94
C GLN B 83 32.90 -1.07 -1.20
N ASN B 84 32.34 -0.86 -0.02
CA ASN B 84 31.82 -1.94 0.78
C ASN B 84 30.69 -2.67 0.08
N MET B 85 30.02 -2.04 -0.88
CA MET B 85 28.96 -2.73 -1.59
C MET B 85 29.52 -3.79 -2.52
N TYR B 86 30.72 -3.59 -3.04
CA TYR B 86 31.39 -4.56 -3.89
C TYR B 86 32.20 -5.57 -3.11
N TYR B 87 32.78 -5.20 -1.97
CA TYR B 87 33.60 -6.19 -1.29
C TYR B 87 32.78 -7.21 -0.50
N HIS B 88 31.58 -6.88 -0.08
CA HIS B 88 30.86 -7.73 0.83
C HIS B 88 29.63 -8.32 0.17
N TYR B 89 29.31 -9.54 0.56
CA TYR B 89 28.22 -10.26 -0.06
C TYR B 89 26.85 -9.91 0.53
N LEU B 90 26.80 -9.51 1.81
CA LEU B 90 25.56 -9.15 2.47
C LEU B 90 25.79 -7.90 3.31
N GLY B 91 24.72 -7.12 3.51
CA GLY B 91 24.82 -5.93 4.32
C GLY B 91 23.46 -5.47 4.80
N ARG B 92 23.46 -4.34 5.50
CA ARG B 92 22.26 -3.70 6.01
C ARG B 92 22.65 -2.33 6.58
N ALA B 93 21.69 -1.42 6.66
CA ALA B 93 21.94 -0.08 7.19
C ALA B 93 20.63 0.68 7.32
N GLY B 94 20.63 1.65 8.23
CA GLY B 94 19.62 2.69 8.28
C GLY B 94 20.17 3.99 7.73
N TYR B 95 19.36 5.03 7.62
CA TYR B 95 19.78 6.29 6.99
C TYR B 95 19.14 7.47 7.68
N THR B 96 19.79 8.61 7.55
CA THR B 96 19.22 9.92 7.88
C THR B 96 19.23 10.74 6.60
N ILE B 97 18.08 11.27 6.21
CA ILE B 97 17.95 12.06 4.98
C ILE B 97 17.53 13.47 5.36
N HIS B 98 18.31 14.45 4.92
CA HIS B 98 17.99 15.86 4.99
C HIS B 98 17.63 16.34 3.60
N VAL B 99 16.52 17.08 3.49
CA VAL B 99 16.12 17.76 2.26
C VAL B 99 15.96 19.22 2.58
N GLN B 100 16.56 20.08 1.76
CA GLN B 100 16.51 21.53 1.96
C GLN B 100 16.18 22.25 0.66
N CYS B 101 15.58 23.44 0.82
CA CYS B 101 15.23 24.33 -0.29
C CYS B 101 15.93 25.67 -0.09
N ASN B 102 16.16 26.37 -1.20
CA ASN B 102 16.60 27.76 -1.11
C ASN B 102 15.62 28.66 -1.85
N ALA B 103 14.82 29.42 -1.10
CA ALA B 103 13.76 30.24 -1.67
C ALA B 103 13.61 31.52 -0.86
N SER B 104 12.86 32.47 -1.41
CA SER B 104 12.64 33.75 -0.76
C SER B 104 11.22 33.83 -0.21
N LYS B 105 10.88 34.95 0.39
CA LYS B 105 9.52 35.19 0.86
C LYS B 105 8.59 35.65 -0.25
N PHE B 106 9.11 35.87 -1.45
CA PHE B 106 8.30 36.23 -2.60
C PHE B 106 8.00 35.03 -3.50
N HIS B 107 8.47 33.85 -3.15
CA HIS B 107 8.10 32.61 -3.82
C HIS B 107 6.98 31.91 -3.04
N GLN B 108 6.41 30.88 -3.65
CA GLN B 108 5.36 30.07 -3.05
C GLN B 108 5.33 28.68 -3.68
N GLY B 109 5.01 27.67 -2.88
CA GLY B 109 4.83 26.30 -3.37
C GLY B 109 4.84 25.31 -2.22
N CYS B 110 4.50 24.07 -2.55
CA CYS B 110 4.32 23.04 -1.54
C CYS B 110 4.84 21.70 -2.05
N LEU B 111 5.66 21.01 -1.26
CA LEU B 111 6.25 19.72 -1.63
C LEU B 111 5.89 18.64 -0.62
N MET B 112 5.65 17.43 -1.12
CA MET B 112 5.64 16.24 -0.28
C MET B 112 6.98 15.50 -0.43
N VAL B 113 7.55 15.06 0.69
CA VAL B 113 8.78 14.27 0.71
C VAL B 113 8.48 12.97 1.43
N VAL B 114 8.55 11.84 0.72
CA VAL B 114 8.10 10.56 1.27
C VAL B 114 9.12 9.44 1.02
N CYS B 115 9.26 8.55 2.00
CA CYS B 115 10.15 7.38 1.90
C CYS B 115 9.30 6.11 1.87
N VAL B 116 9.35 5.37 0.75
CA VAL B 116 8.41 4.29 0.48
C VAL B 116 9.18 2.97 0.44
N PRO B 117 8.91 2.02 1.34
CA PRO B 117 9.53 0.70 1.27
C PRO B 117 8.92 -0.18 0.19
N GLU B 118 9.76 -0.94 -0.50
CA GLU B 118 9.34 -1.84 -1.58
C GLU B 118 8.46 -1.14 -2.61
N ALA B 119 9.00 -0.15 -3.29
CA ALA B 119 8.19 0.60 -4.24
C ALA B 119 8.29 -0.05 -5.62
N GLU B 120 7.56 -1.15 -5.78
CA GLU B 120 7.53 -1.89 -7.04
C GLU B 120 6.71 -1.12 -8.07
N MET B 121 7.25 -0.95 -9.27
CA MET B 121 6.69 -0.04 -10.25
C MET B 121 6.17 -0.79 -11.47
N GLY B 122 5.23 -0.19 -12.16
CA GLY B 122 4.57 -0.82 -13.29
C GLY B 122 5.14 -0.38 -14.63
N CYS B 123 4.90 -1.20 -15.64
CA CYS B 123 5.41 -0.91 -16.98
C CYS B 123 4.42 -0.08 -17.76
N SER B 124 4.96 0.70 -18.71
CA SER B 124 4.14 1.52 -19.58
C SER B 124 3.30 0.68 -20.54
N GLN B 125 3.75 -0.52 -20.82
CA GLN B 125 2.96 -1.48 -21.58
C GLN B 125 2.45 -2.56 -20.64
N VAL B 126 1.14 -2.78 -20.68
CA VAL B 126 0.51 -3.63 -19.67
C VAL B 126 1.02 -5.06 -19.76
N ASP B 127 1.23 -5.57 -20.96
CA ASP B 127 1.92 -6.85 -21.12
C ASP B 127 3.37 -6.61 -21.51
N GLY B 128 4.09 -5.95 -20.62
CA GLY B 128 5.51 -5.72 -20.80
C GLY B 128 6.23 -5.92 -19.48
N THR B 129 7.52 -5.62 -19.50
CA THR B 129 8.34 -5.72 -18.31
C THR B 129 9.29 -4.55 -18.23
N VAL B 130 9.61 -4.14 -17.03
CA VAL B 130 10.40 -2.94 -16.82
C VAL B 130 11.88 -3.28 -16.96
N ASN B 131 12.62 -2.30 -17.44
CA ASN B 131 14.06 -2.39 -17.63
C ASN B 131 14.80 -2.00 -16.36
N GLU B 132 16.07 -2.37 -16.29
CA GLU B 132 16.84 -1.98 -15.11
C GLU B 132 17.27 -0.52 -15.15
N HIS B 133 17.56 0.03 -16.33
CA HIS B 133 17.90 1.44 -16.43
C HIS B 133 16.71 2.36 -16.18
N SER B 134 15.49 1.92 -16.48
CA SER B 134 14.35 2.80 -16.31
C SER B 134 13.89 2.87 -14.86
N LEU B 135 14.43 2.01 -13.99
CA LEU B 135 14.08 2.08 -12.58
C LEU B 135 14.98 3.04 -11.82
N SER B 136 16.26 3.11 -12.18
CA SER B 136 17.15 4.05 -11.50
C SER B 136 18.32 4.41 -12.40
N GLU B 137 18.94 5.54 -12.11
CA GLU B 137 20.18 5.95 -12.73
C GLU B 137 21.22 6.33 -11.68
N GLY B 138 21.16 5.75 -10.48
CA GLY B 138 22.19 5.95 -9.49
C GLY B 138 22.03 7.21 -8.67
N GLU B 139 22.94 8.16 -8.83
CA GLU B 139 22.86 9.39 -8.06
C GLU B 139 22.11 10.48 -8.82
N THR B 140 21.77 10.24 -10.08
CA THR B 140 20.87 11.08 -10.84
C THR B 140 19.42 10.65 -10.63
N ALA B 141 18.54 11.63 -10.47
CA ALA B 141 17.12 11.36 -10.24
C ALA B 141 16.40 10.96 -11.51
N LYS B 142 15.42 10.07 -11.38
CA LYS B 142 14.42 9.86 -12.42
C LYS B 142 13.34 10.92 -12.28
N LYS B 143 12.57 11.12 -13.34
CA LYS B 143 11.52 12.13 -13.34
C LYS B 143 10.15 11.51 -13.55
N PHE B 144 9.17 12.00 -12.79
CA PHE B 144 7.77 11.74 -13.07
C PHE B 144 7.33 12.55 -14.28
N ALA B 145 6.25 12.12 -14.91
CA ALA B 145 5.65 12.87 -16.01
C ALA B 145 4.29 13.41 -15.61
N SER B 146 3.81 14.39 -16.36
CA SER B 146 2.50 14.98 -16.13
C SER B 146 1.40 14.36 -16.98
N THR B 147 1.75 13.54 -17.96
CA THR B 147 0.80 12.74 -18.72
C THR B 147 1.32 11.31 -18.78
N SER B 148 0.54 10.42 -19.37
CA SER B 148 0.91 9.00 -19.37
C SER B 148 1.93 8.71 -20.45
N THR B 149 2.90 7.87 -20.12
CA THR B 149 4.09 7.65 -20.95
C THR B 149 3.89 6.46 -21.89
N ASN B 150 4.87 6.28 -22.77
CA ASN B 150 4.85 5.22 -23.76
C ASN B 150 6.26 4.68 -23.92
N GLY B 151 6.47 3.92 -24.97
CA GLY B 151 7.78 3.35 -25.16
C GLY B 151 7.95 2.06 -24.40
N THR B 152 8.88 1.22 -24.86
CA THR B 152 9.06 -0.10 -24.27
C THR B 152 9.92 -0.03 -23.02
N ASN B 153 9.57 -0.87 -22.05
CA ASN B 153 10.41 -1.16 -20.89
C ASN B 153 10.50 0.02 -19.92
N THR B 154 9.70 1.04 -20.13
CA THR B 154 9.70 2.23 -19.27
C THR B 154 8.65 2.09 -18.17
N VAL B 155 8.99 2.58 -16.98
CA VAL B 155 8.04 2.74 -15.90
C VAL B 155 6.94 3.67 -16.39
N GLN B 156 5.68 3.32 -16.11
CA GLN B 156 4.57 4.21 -16.40
C GLN B 156 4.51 5.29 -15.33
N SER B 157 5.00 6.48 -15.64
CA SER B 157 5.37 7.45 -14.62
C SER B 157 4.44 8.65 -14.53
N ILE B 158 3.20 8.55 -15.00
CA ILE B 158 2.21 9.59 -14.72
C ILE B 158 2.17 9.87 -13.22
N VAL B 159 2.26 11.14 -12.84
CA VAL B 159 2.52 11.48 -11.45
C VAL B 159 1.31 11.24 -10.55
N THR B 160 0.10 11.21 -11.09
CA THR B 160 -1.06 11.00 -10.22
C THR B 160 -1.14 9.56 -9.72
N ASN B 161 -0.52 8.60 -10.41
CA ASN B 161 -0.54 7.24 -9.91
C ASN B 161 0.79 6.80 -9.34
N ALA B 162 1.78 7.69 -9.33
CA ALA B 162 3.06 7.49 -8.66
C ALA B 162 3.77 6.23 -9.11
N GLY B 163 3.45 5.73 -10.30
CA GLY B 163 4.08 4.53 -10.80
C GLY B 163 3.75 3.24 -10.07
N MET B 164 2.85 3.27 -9.10
CA MET B 164 2.51 2.09 -8.31
C MET B 164 1.05 1.69 -8.43
N GLY B 165 0.22 2.45 -9.14
CA GLY B 165 -1.18 2.13 -9.24
C GLY B 165 -2.06 2.56 -8.09
N VAL B 166 -1.65 3.54 -7.30
CA VAL B 166 -2.46 4.07 -6.20
C VAL B 166 -2.75 5.53 -6.45
N GLY B 167 -3.61 6.10 -5.61
CA GLY B 167 -3.86 7.53 -5.65
C GLY B 167 -2.81 8.27 -4.87
N VAL B 168 -2.22 9.29 -5.48
CA VAL B 168 -1.05 9.96 -4.94
C VAL B 168 -1.37 10.79 -3.71
N GLY B 169 -2.63 11.17 -3.53
CA GLY B 169 -3.05 11.78 -2.30
C GLY B 169 -3.05 10.87 -1.10
N ASN B 170 -2.82 9.57 -1.29
CA ASN B 170 -2.83 8.64 -0.18
C ASN B 170 -1.44 8.18 0.25
N LEU B 171 -0.36 8.76 -0.27
CA LEU B 171 0.98 8.36 0.11
C LEU B 171 1.39 8.80 1.51
N THR B 172 0.53 9.52 2.21
CA THR B 172 0.77 9.96 3.58
C THR B 172 0.77 8.83 4.59
N ILE B 173 0.30 7.65 4.18
CA ILE B 173 0.43 6.40 4.92
C ILE B 173 1.88 6.01 5.17
N PHE B 174 2.82 6.49 4.38
CA PHE B 174 4.23 6.21 4.56
C PHE B 174 4.91 7.32 5.35
N PRO B 175 6.13 7.11 5.84
CA PRO B 175 6.88 8.19 6.48
C PRO B 175 7.15 9.35 5.54
N HIS B 176 6.68 10.53 5.92
CA HIS B 176 6.56 11.65 5.01
C HIS B 176 6.71 12.97 5.76
N GLN B 177 6.93 14.02 5.00
CA GLN B 177 7.04 15.36 5.55
C GLN B 177 6.60 16.37 4.49
N TRP B 178 5.99 17.47 4.95
CA TRP B 178 5.54 18.53 4.06
C TRP B 178 6.49 19.70 4.13
N ILE B 179 6.75 20.33 2.98
CA ILE B 179 7.56 21.53 2.91
C ILE B 179 6.71 22.62 2.27
N ASN B 180 6.27 23.57 3.06
CA ASN B 180 5.45 24.69 2.61
C ASN B 180 6.31 25.95 2.63
N LEU B 181 6.59 26.53 1.46
CA LEU B 181 7.58 27.60 1.35
C LEU B 181 7.27 28.78 2.25
N ARG B 182 6.04 28.86 2.71
CA ARG B 182 5.54 29.89 3.58
C ARG B 182 6.02 29.74 5.02
N THR B 183 6.28 28.51 5.48
CA THR B 183 6.48 28.26 6.90
C THR B 183 7.77 27.53 7.25
N ASN B 184 8.32 26.73 6.34
CA ASN B 184 9.59 26.01 6.55
C ASN B 184 10.20 25.66 5.21
N ASN B 185 11.47 25.27 5.22
CA ASN B 185 12.11 24.86 3.98
C ASN B 185 12.95 23.61 4.13
N CYS B 186 12.75 22.82 5.18
CA CYS B 186 13.63 21.69 5.44
C CYS B 186 12.85 20.50 5.98
N ALA B 187 13.45 19.33 5.83
CA ALA B 187 12.80 18.08 6.25
C ALA B 187 13.85 17.03 6.55
N THR B 188 13.74 16.40 7.71
CA THR B 188 14.60 15.31 8.09
C THR B 188 13.78 14.04 8.31
N ILE B 189 14.21 12.94 7.71
CA ILE B 189 13.58 11.64 7.89
C ILE B 189 14.65 10.63 8.31
N VAL B 190 14.44 9.94 9.41
CA VAL B 190 15.34 8.90 9.88
C VAL B 190 14.68 7.55 9.57
N MET B 191 15.30 6.77 8.69
CA MET B 191 14.77 5.48 8.26
C MET B 191 15.56 4.31 8.85
N PRO B 192 14.93 3.35 9.50
CA PRO B 192 15.62 2.14 9.89
C PRO B 192 15.64 1.11 8.75
N TYR B 193 16.36 0.02 9.00
CA TYR B 193 16.42 -1.08 8.05
C TYR B 193 15.17 -1.96 8.17
N ILE B 194 14.48 -2.15 7.05
CA ILE B 194 13.19 -2.82 7.01
C ILE B 194 13.24 -3.89 5.94
N ASN B 195 13.18 -5.14 6.35
CA ASN B 195 13.20 -6.26 5.42
C ASN B 195 12.51 -7.42 6.09
N ASN B 196 12.25 -8.47 5.34
CA ASN B 196 11.74 -9.69 5.93
C ASN B 196 12.83 -10.73 6.19
N VAL B 197 14.10 -10.39 5.95
CA VAL B 197 15.24 -11.15 6.46
C VAL B 197 16.22 -10.19 7.12
N PRO B 198 17.09 -10.71 7.98
CA PRO B 198 18.01 -9.80 8.71
C PRO B 198 19.08 -9.15 7.86
N MET B 199 19.68 -9.83 6.90
CA MET B 199 20.63 -9.20 5.99
C MET B 199 20.21 -9.55 4.57
N ASP B 200 20.89 -8.95 3.60
CA ASP B 200 20.53 -9.13 2.20
C ASP B 200 21.65 -8.62 1.33
N ASN B 201 21.57 -8.93 0.05
CA ASN B 201 22.53 -8.44 -0.92
C ASN B 201 22.07 -7.10 -1.49
N MET B 202 23.00 -6.18 -1.67
CA MET B 202 22.66 -4.79 -1.90
C MET B 202 22.65 -4.38 -3.36
N PHE B 203 22.65 -5.34 -4.29
CA PHE B 203 22.76 -4.92 -5.67
C PHE B 203 21.52 -5.25 -6.46
N ARG B 204 20.83 -6.34 -6.14
CA ARG B 204 19.66 -6.69 -6.91
C ARG B 204 18.37 -6.46 -6.14
N HIS B 205 18.40 -5.68 -5.08
CA HIS B 205 17.20 -5.36 -4.33
C HIS B 205 17.22 -3.91 -3.90
N HIS B 206 16.12 -3.19 -4.13
CA HIS B 206 15.97 -1.81 -3.68
C HIS B 206 15.15 -1.80 -2.41
N ASN B 207 15.80 -1.55 -1.28
CA ASN B 207 15.09 -1.49 -0.02
C ASN B 207 14.00 -0.43 -0.02
N PHE B 208 14.35 0.82 -0.32
CA PHE B 208 13.29 1.83 -0.30
C PHE B 208 13.54 2.89 -1.34
N THR B 209 12.55 3.76 -1.52
CA THR B 209 12.55 4.77 -2.57
C THR B 209 12.21 6.13 -1.97
N LEU B 210 13.03 7.13 -2.26
CA LEU B 210 12.75 8.49 -1.82
C LEU B 210 12.09 9.24 -2.96
N MET B 211 10.92 9.83 -2.70
CA MET B 211 10.17 10.62 -3.68
C MET B 211 9.92 12.04 -3.20
N ILE B 212 10.00 12.99 -4.15
CA ILE B 212 9.73 14.41 -3.90
C ILE B 212 8.76 14.91 -4.96
N ILE B 213 7.61 15.42 -4.53
CA ILE B 213 6.47 15.64 -5.40
C ILE B 213 5.80 16.98 -5.09
N PRO B 214 5.77 17.93 -6.02
CA PRO B 214 5.07 19.21 -5.78
C PRO B 214 3.55 19.08 -5.91
N PHE B 215 2.84 19.53 -4.87
CA PHE B 215 1.38 19.48 -4.89
C PHE B 215 0.79 20.82 -5.26
N VAL B 216 1.49 21.90 -4.99
CA VAL B 216 1.17 23.24 -5.46
C VAL B 216 2.38 23.74 -6.22
N PRO B 217 2.27 24.09 -7.49
CA PRO B 217 3.47 24.40 -8.25
C PRO B 217 4.11 25.71 -7.81
N LEU B 218 5.40 25.82 -8.09
CA LEU B 218 6.17 27.05 -7.85
C LEU B 218 5.58 28.23 -8.60
N ASP B 219 5.42 29.34 -7.89
CA ASP B 219 4.99 30.58 -8.53
C ASP B 219 5.84 31.75 -8.05
N TYR B 220 6.14 32.64 -8.98
CA TYR B 220 6.89 33.86 -8.70
C TYR B 220 6.37 34.95 -9.63
N SER B 221 6.85 36.16 -9.44
CA SER B 221 6.46 37.27 -10.30
C SER B 221 7.71 38.09 -10.58
N SER B 222 7.49 39.34 -10.99
CA SER B 222 8.21 40.00 -12.07
C SER B 222 9.68 39.62 -12.30
N ASP B 223 10.59 39.89 -11.38
CA ASP B 223 12.00 39.64 -11.64
C ASP B 223 12.67 38.83 -10.54
N SER B 224 11.93 37.97 -9.85
CA SER B 224 12.51 36.94 -9.01
C SER B 224 13.22 35.89 -9.87
N SER B 225 14.03 35.07 -9.22
CA SER B 225 14.62 33.93 -9.89
C SER B 225 13.52 32.99 -10.39
N THR B 226 13.78 32.34 -11.51
CA THR B 226 12.78 31.50 -12.15
C THR B 226 12.85 30.04 -11.71
N TYR B 227 13.70 29.70 -10.75
CA TYR B 227 13.82 28.33 -10.30
C TYR B 227 14.09 28.34 -8.80
N VAL B 228 13.95 27.18 -8.17
CA VAL B 228 14.33 27.03 -6.76
C VAL B 228 15.16 25.77 -6.63
N PRO B 229 16.32 25.80 -5.96
CA PRO B 229 17.09 24.58 -5.80
C PRO B 229 16.75 23.76 -4.56
N ILE B 230 16.75 22.44 -4.77
CA ILE B 230 16.52 21.46 -3.72
C ILE B 230 17.78 20.61 -3.55
N THR B 231 18.16 20.34 -2.31
CA THR B 231 19.39 19.63 -1.97
C THR B 231 19.13 18.49 -1.00
N VAL B 232 19.74 17.34 -1.27
CA VAL B 232 19.53 16.11 -0.53
C VAL B 232 20.86 15.64 0.04
N THR B 233 20.86 15.32 1.33
CA THR B 233 22.06 14.88 2.02
C THR B 233 21.75 13.63 2.85
N VAL B 234 22.61 12.62 2.77
CA VAL B 234 22.35 11.30 3.33
C VAL B 234 23.51 10.86 4.23
N ALA B 235 23.18 10.36 5.41
CA ALA B 235 24.19 9.78 6.31
C ALA B 235 23.82 8.37 6.68
N PRO B 236 24.58 7.36 6.27
CA PRO B 236 24.28 5.98 6.67
C PRO B 236 24.53 5.72 8.15
N MET B 237 23.70 4.87 8.74
CA MET B 237 23.69 4.62 10.17
C MET B 237 23.70 3.12 10.46
N CYS B 238 24.60 2.70 11.34
CA CYS B 238 24.70 1.32 11.83
C CYS B 238 24.79 0.32 10.67
N ALA B 239 25.76 0.52 9.79
CA ALA B 239 25.96 -0.40 8.69
C ALA B 239 26.75 -1.62 9.14
N GLU B 240 26.50 -2.76 8.49
CA GLU B 240 26.95 -4.03 9.04
C GLU B 240 27.02 -5.04 7.91
N TYR B 241 28.08 -5.84 7.85
CA TYR B 241 28.32 -6.75 6.74
C TYR B 241 28.67 -8.12 7.26
N ASN B 242 28.78 -9.09 6.35
CA ASN B 242 29.28 -10.41 6.73
C ASN B 242 30.80 -10.37 6.96
N GLY B 243 31.23 -11.06 8.00
CA GLY B 243 32.66 -11.16 8.29
C GLY B 243 33.42 -11.93 7.23
N LEU B 244 34.67 -11.54 7.01
CA LEU B 244 35.47 -12.09 5.94
C LEU B 244 36.55 -13.05 6.40
N ARG B 245 36.64 -13.32 7.70
CA ARG B 245 37.72 -14.15 8.22
C ARG B 245 37.19 -15.45 8.84
N GLY C 1 -17.48 -48.69 23.32
CA GLY C 1 -17.61 -48.14 24.64
C GLY C 1 -17.93 -46.67 24.57
N LEU C 2 -18.35 -46.09 25.67
CA LEU C 2 -18.79 -44.69 25.70
C LEU C 2 -19.96 -44.45 24.76
N PRO C 3 -21.18 -44.77 25.17
CA PRO C 3 -22.36 -44.48 24.34
C PRO C 3 -22.44 -43.03 23.89
N VAL C 4 -22.76 -42.83 22.61
CA VAL C 4 -22.61 -41.54 21.98
C VAL C 4 -23.78 -41.35 21.01
N MET C 5 -24.15 -40.09 20.76
CA MET C 5 -25.33 -39.79 19.95
C MET C 5 -25.09 -38.60 19.03
N ASN C 6 -25.17 -38.80 17.72
CA ASN C 6 -24.92 -37.75 16.74
C ASN C 6 -26.09 -36.78 16.63
N THR C 7 -25.80 -35.49 16.69
CA THR C 7 -26.79 -34.42 16.58
C THR C 7 -26.88 -33.91 15.16
N PRO C 8 -27.97 -33.22 14.82
CA PRO C 8 -28.02 -32.51 13.54
C PRO C 8 -26.89 -31.49 13.39
N GLY C 9 -26.44 -31.31 12.16
CA GLY C 9 -25.21 -30.61 11.87
C GLY C 9 -23.97 -31.46 11.74
N SER C 10 -24.06 -32.77 11.92
CA SER C 10 -22.91 -33.65 11.79
C SER C 10 -22.54 -33.88 10.33
N ASN C 11 -21.23 -33.81 10.04
CA ASN C 11 -20.64 -34.08 8.72
C ASN C 11 -20.99 -33.01 7.70
N GLN C 12 -21.31 -31.80 8.15
CA GLN C 12 -21.54 -30.70 7.24
C GLN C 12 -20.27 -29.87 7.16
N PHE C 13 -20.09 -29.13 6.06
CA PHE C 13 -19.01 -28.16 5.96
C PHE C 13 -19.60 -26.76 6.04
N LEU C 14 -19.42 -26.11 7.18
CA LEU C 14 -19.81 -24.71 7.38
C LEU C 14 -18.61 -23.81 7.14
N THR C 15 -18.76 -22.89 6.19
CA THR C 15 -17.66 -22.05 5.72
C THR C 15 -17.08 -21.16 6.80
N SER C 16 -17.83 -20.88 7.86
CA SER C 16 -17.30 -20.09 8.96
C SER C 16 -17.10 -20.89 10.24
N ASP C 17 -16.94 -22.20 10.18
CA ASP C 17 -16.74 -22.97 11.40
C ASP C 17 -15.34 -22.72 11.97
N ASP C 18 -15.12 -23.22 13.19
CA ASP C 18 -13.84 -22.98 13.90
C ASP C 18 -13.43 -24.25 14.65
N PHE C 19 -12.70 -25.13 13.99
CA PHE C 19 -12.36 -26.42 14.56
C PHE C 19 -10.86 -26.66 14.45
N GLN C 20 -10.35 -27.52 15.32
CA GLN C 20 -8.97 -27.97 15.23
C GLN C 20 -8.80 -28.89 14.04
N SER C 21 -7.70 -28.74 13.32
CA SER C 21 -7.43 -29.49 12.10
C SER C 21 -6.11 -30.25 12.19
N PRO C 22 -5.99 -31.39 11.50
CA PRO C 22 -4.73 -32.15 11.55
C PRO C 22 -3.66 -31.52 10.67
N SER C 23 -2.45 -31.42 11.21
CA SER C 23 -1.36 -30.83 10.45
C SER C 23 -0.79 -31.85 9.47
N ALA C 24 -0.49 -31.39 8.27
CA ALA C 24 0.12 -32.23 7.26
C ALA C 24 1.64 -32.26 7.34
N MET C 25 2.25 -31.38 8.12
CA MET C 25 3.70 -31.35 8.27
C MET C 25 4.03 -31.20 9.75
N PRO C 26 3.81 -32.28 10.53
CA PRO C 26 4.04 -32.18 11.98
C PRO C 26 5.50 -32.09 12.38
N GLN C 27 6.40 -32.67 11.61
CA GLN C 27 7.82 -32.71 11.98
C GLN C 27 8.58 -31.57 11.31
N PHE C 28 8.11 -30.35 11.45
CA PHE C 28 8.73 -29.23 10.78
C PHE C 28 8.72 -28.03 11.72
N ASP C 29 9.89 -27.62 12.19
CA ASP C 29 9.96 -26.47 13.10
C ASP C 29 10.07 -25.20 12.29
N VAL C 30 9.20 -24.23 12.61
CA VAL C 30 9.04 -23.07 11.76
C VAL C 30 10.10 -22.03 12.11
N THR C 31 10.37 -21.17 11.14
CA THR C 31 11.26 -20.04 11.34
C THR C 31 10.71 -19.12 12.41
N PRO C 32 11.51 -18.74 13.40
CA PRO C 32 11.02 -17.83 14.44
C PRO C 32 10.75 -16.44 13.89
N GLU C 33 9.91 -15.69 14.59
CA GLU C 33 9.54 -14.38 14.09
C GLU C 33 10.64 -13.36 14.27
N LEU C 34 10.68 -12.41 13.36
CA LEU C 34 11.53 -11.24 13.39
C LEU C 34 10.76 -10.03 13.88
N ASN C 35 11.46 -9.11 14.52
CA ASN C 35 10.87 -7.87 15.01
C ASN C 35 10.96 -6.81 13.92
N ILE C 36 10.03 -6.88 12.98
CA ILE C 36 9.97 -5.92 11.88
C ILE C 36 9.29 -4.65 12.37
N PRO C 37 9.85 -3.48 12.10
CA PRO C 37 9.14 -2.25 12.45
C PRO C 37 7.84 -2.11 11.70
N GLY C 38 6.89 -1.42 12.32
CA GLY C 38 5.65 -1.09 11.66
C GLY C 38 4.54 -2.11 11.67
N GLU C 39 4.28 -2.73 12.81
CA GLU C 39 3.24 -3.73 12.93
C GLU C 39 1.87 -3.11 13.22
N VAL C 40 0.83 -3.76 12.72
CA VAL C 40 -0.55 -3.27 12.77
C VAL C 40 -1.41 -4.28 13.51
N GLN C 41 -2.21 -3.80 14.46
CA GLN C 41 -3.20 -4.63 15.14
C GLN C 41 -4.64 -4.39 14.69
N ASN C 42 -4.93 -3.29 14.03
CA ASN C 42 -6.32 -2.90 13.80
C ASN C 42 -6.38 -1.94 12.63
N LEU C 43 -7.41 -2.08 11.80
CA LEU C 43 -7.59 -1.20 10.65
C LEU C 43 -7.87 0.25 11.01
N MET C 44 -8.29 0.54 12.22
CA MET C 44 -8.54 1.92 12.56
C MET C 44 -7.25 2.71 12.72
N GLU C 45 -6.10 2.02 12.74
CA GLU C 45 -4.82 2.70 12.69
C GLU C 45 -4.53 3.25 11.30
N ILE C 46 -5.16 2.70 10.27
CA ILE C 46 -4.99 3.27 8.93
C ILE C 46 -5.92 4.46 8.71
N ALA C 47 -7.11 4.45 9.31
CA ALA C 47 -8.06 5.52 9.05
C ALA C 47 -7.75 6.78 9.83
N GLU C 48 -6.98 6.69 10.90
CA GLU C 48 -6.59 7.84 11.70
C GLU C 48 -5.44 8.61 11.10
N VAL C 49 -5.09 8.35 9.86
CA VAL C 49 -4.02 9.06 9.18
C VAL C 49 -4.64 10.02 8.19
N ASP C 50 -4.10 11.23 8.13
CA ASP C 50 -4.56 12.25 7.19
C ASP C 50 -4.25 11.86 5.74
N SER C 51 -5.12 12.27 4.84
CA SER C 51 -4.87 12.10 3.41
C SER C 51 -5.50 13.27 2.67
N VAL C 52 -4.99 13.56 1.50
CA VAL C 52 -5.38 14.76 0.78
C VAL C 52 -6.69 14.52 0.05
N VAL C 53 -7.61 15.47 0.18
CA VAL C 53 -8.95 15.41 -0.40
C VAL C 53 -8.95 16.02 -1.80
N PRO C 54 -9.53 15.37 -2.79
CA PRO C 54 -9.68 16.00 -4.11
C PRO C 54 -10.94 16.85 -4.24
N VAL C 55 -10.90 18.02 -3.61
CA VAL C 55 -12.05 18.91 -3.52
C VAL C 55 -12.42 19.52 -4.86
N ASN C 56 -11.46 19.66 -5.76
CA ASN C 56 -11.71 20.28 -7.06
C ASN C 56 -12.05 19.24 -8.12
N ASN C 57 -13.01 18.36 -7.88
CA ASN C 57 -13.30 17.24 -8.77
C ASN C 57 -14.35 17.64 -9.81
N VAL C 58 -13.96 18.56 -10.67
CA VAL C 58 -14.81 19.03 -11.74
C VAL C 58 -14.22 18.60 -13.06
N GLU C 59 -14.93 18.93 -14.14
CA GLU C 59 -14.58 18.43 -15.46
C GLU C 59 -13.26 19.00 -15.97
N GLY C 60 -12.53 18.17 -16.68
CA GLY C 60 -11.30 18.59 -17.32
C GLY C 60 -10.06 18.44 -16.47
N LYS C 61 -10.19 18.06 -15.21
CA LYS C 61 -8.99 17.94 -14.40
C LYS C 61 -9.04 16.80 -13.40
N LEU C 62 -9.72 15.71 -13.75
CA LEU C 62 -9.78 14.52 -12.91
C LEU C 62 -8.54 13.65 -13.02
N ASP C 63 -7.60 13.99 -13.90
CA ASP C 63 -6.37 13.21 -14.06
C ASP C 63 -5.11 14.05 -13.91
N THR C 64 -5.15 15.13 -13.14
CA THR C 64 -4.02 16.02 -12.93
C THR C 64 -3.90 16.31 -11.43
N MET C 65 -2.77 16.86 -11.01
CA MET C 65 -2.56 17.25 -9.63
C MET C 65 -3.46 18.41 -9.21
N GLU C 66 -4.00 19.14 -10.17
CA GLU C 66 -4.91 20.24 -9.94
C GLU C 66 -6.20 19.84 -9.24
N ILE C 67 -6.57 18.58 -9.28
CA ILE C 67 -7.77 18.13 -8.59
C ILE C 67 -7.70 18.40 -7.09
N TYR C 68 -6.51 18.58 -6.54
CA TYR C 68 -6.34 18.71 -5.09
C TYR C 68 -6.25 20.16 -4.61
N ARG C 69 -6.34 21.14 -5.49
CA ARG C 69 -6.03 22.53 -5.17
C ARG C 69 -7.29 23.38 -5.21
N ILE C 70 -7.61 24.04 -4.11
CA ILE C 70 -8.72 24.97 -4.10
C ILE C 70 -8.16 26.32 -4.55
N PRO C 71 -8.70 26.92 -5.60
CA PRO C 71 -8.17 28.19 -6.13
C PRO C 71 -8.62 29.40 -5.31
N VAL C 72 -7.67 30.24 -4.96
CA VAL C 72 -7.93 31.54 -4.35
C VAL C 72 -7.53 32.57 -5.37
N GLN C 73 -8.47 33.39 -5.80
CA GLN C 73 -8.24 34.33 -6.87
C GLN C 73 -7.90 35.71 -6.33
N SER C 74 -7.42 36.55 -7.22
CA SER C 74 -6.90 37.86 -6.87
C SER C 74 -7.91 38.95 -7.15
N GLY C 75 -7.75 40.05 -6.44
CA GLY C 75 -8.67 41.15 -6.54
C GLY C 75 -9.64 41.16 -5.37
N ASN C 76 -10.67 41.97 -5.51
CA ASN C 76 -11.62 42.22 -4.44
C ASN C 76 -12.93 41.48 -4.74
N HIS C 77 -13.16 40.38 -4.02
CA HIS C 77 -14.41 39.63 -4.11
C HIS C 77 -14.91 39.30 -2.72
N GLN C 78 -15.02 40.29 -1.85
CA GLN C 78 -15.16 40.00 -0.42
C GLN C 78 -16.57 39.66 0.03
N SER C 79 -17.36 38.93 -0.74
CA SER C 79 -18.43 38.15 -0.15
C SER C 79 -18.75 36.88 -0.91
N SER C 80 -17.88 36.43 -1.81
CA SER C 80 -18.20 35.31 -2.67
C SER C 80 -17.77 34.01 -2.04
N GLN C 81 -18.40 32.93 -2.48
CA GLN C 81 -18.04 31.61 -2.00
C GLN C 81 -16.70 31.16 -2.57
N VAL C 82 -15.94 30.43 -1.76
CA VAL C 82 -14.73 29.79 -2.19
C VAL C 82 -14.95 28.32 -2.52
N PHE C 83 -15.61 27.58 -1.63
CA PHE C 83 -15.94 26.19 -1.87
C PHE C 83 -17.06 25.78 -0.91
N GLY C 84 -17.62 24.60 -1.16
CA GLY C 84 -18.54 23.97 -0.24
C GLY C 84 -18.80 22.51 -0.54
N PHE C 85 -18.95 21.67 0.49
CA PHE C 85 -19.32 20.27 0.25
C PHE C 85 -20.09 19.70 1.43
N GLN C 86 -20.79 18.61 1.16
CA GLN C 86 -21.44 17.82 2.19
C GLN C 86 -20.46 16.84 2.80
N VAL C 87 -20.60 16.58 4.09
CA VAL C 87 -19.66 15.70 4.77
C VAL C 87 -20.25 14.30 4.82
N GLN C 88 -19.83 13.46 3.88
CA GLN C 88 -20.40 12.14 3.70
C GLN C 88 -19.30 11.20 3.26
N PRO C 89 -18.48 10.73 4.19
CA PRO C 89 -17.40 9.81 3.82
C PRO C 89 -17.98 8.46 3.47
N GLY C 90 -17.36 7.80 2.51
CA GLY C 90 -17.95 6.56 2.06
C GLY C 90 -18.84 6.72 0.85
N LEU C 91 -19.75 7.69 0.85
CA LEU C 91 -20.67 7.80 -0.27
C LEU C 91 -20.30 8.91 -1.25
N ASP C 92 -19.86 10.06 -0.76
CA ASP C 92 -19.69 11.22 -1.62
C ASP C 92 -18.36 11.16 -2.38
N ASN C 93 -18.40 11.57 -3.64
CA ASN C 93 -17.24 11.46 -4.52
C ASN C 93 -15.99 12.13 -4.00
N VAL C 94 -16.11 13.22 -3.24
CA VAL C 94 -14.90 13.90 -2.84
C VAL C 94 -14.21 13.19 -1.69
N PHE C 95 -14.92 12.35 -0.94
CA PHE C 95 -14.33 11.66 0.21
C PHE C 95 -14.15 10.18 -0.03
N LYS C 96 -14.55 9.69 -1.20
CA LYS C 96 -14.79 8.27 -1.42
C LYS C 96 -13.51 7.46 -1.53
N HIS C 97 -12.46 8.03 -2.13
CA HIS C 97 -11.23 7.33 -2.40
C HIS C 97 -10.09 7.75 -1.48
N THR C 98 -10.38 8.30 -0.31
CA THR C 98 -9.32 8.65 0.59
C THR C 98 -8.97 7.43 1.43
N LEU C 99 -8.00 7.57 2.33
CA LEU C 99 -7.73 6.45 3.23
C LEU C 99 -8.90 6.14 4.15
N LEU C 100 -9.60 7.16 4.63
CA LEU C 100 -10.77 6.91 5.46
C LEU C 100 -11.92 6.35 4.64
N GLY C 101 -12.14 6.88 3.44
CA GLY C 101 -13.23 6.39 2.62
C GLY C 101 -13.06 4.96 2.19
N GLU C 102 -11.82 4.55 1.87
CA GLU C 102 -11.58 3.20 1.40
C GLU C 102 -11.82 2.17 2.50
N ILE C 103 -11.54 2.52 3.74
CA ILE C 103 -11.82 1.59 4.82
C ILE C 103 -13.31 1.46 5.03
N LEU C 104 -14.01 2.59 5.20
CA LEU C 104 -15.43 2.59 5.48
C LEU C 104 -16.22 1.79 4.44
N ASN C 105 -15.71 1.64 3.24
CA ASN C 105 -16.44 0.94 2.21
C ASN C 105 -16.32 -0.58 2.32
N TYR C 106 -15.61 -1.08 3.31
CA TYR C 106 -15.63 -2.50 3.65
C TYR C 106 -16.69 -2.87 4.67
N TYR C 107 -17.42 -1.90 5.21
CA TYR C 107 -18.35 -2.19 6.29
C TYR C 107 -19.70 -1.60 5.97
N ALA C 108 -20.74 -2.26 6.43
CA ALA C 108 -22.09 -1.80 6.16
C ALA C 108 -22.63 -0.84 7.21
N HIS C 109 -22.02 -0.73 8.37
CA HIS C 109 -22.45 0.31 9.30
C HIS C 109 -21.25 0.92 10.00
N TRP C 110 -21.22 2.24 10.11
CA TRP C 110 -20.10 2.89 10.78
C TRP C 110 -20.56 4.19 11.41
N SER C 111 -19.81 4.66 12.39
CA SER C 111 -20.11 5.94 13.01
C SER C 111 -18.94 6.48 13.82
N GLY C 112 -18.83 7.80 13.86
CA GLY C 112 -17.82 8.46 14.69
C GLY C 112 -17.75 9.96 14.43
N SER C 113 -16.58 10.53 14.72
CA SER C 113 -16.28 11.94 14.49
C SER C 113 -15.20 12.07 13.43
N ILE C 114 -15.15 13.22 12.78
CA ILE C 114 -14.21 13.42 11.68
C ILE C 114 -13.41 14.70 11.88
N LYS C 115 -12.17 14.70 11.40
CA LYS C 115 -11.29 15.86 11.52
C LYS C 115 -10.89 16.39 10.15
N LEU C 116 -11.12 17.67 9.91
CA LEU C 116 -10.72 18.34 8.68
C LEU C 116 -9.70 19.44 8.95
N THR C 117 -8.62 19.43 8.18
CA THR C 117 -7.58 20.45 8.31
C THR C 117 -7.46 21.20 7.00
N PHE C 118 -7.32 22.52 7.06
CA PHE C 118 -7.14 23.37 5.90
C PHE C 118 -5.81 24.08 6.01
N VAL C 119 -5.08 24.15 4.90
CA VAL C 119 -3.75 24.74 4.87
C VAL C 119 -3.66 25.71 3.71
N PHE C 120 -3.11 26.89 3.98
CA PHE C 120 -2.95 27.94 2.99
C PHE C 120 -1.54 27.86 2.38
N CYS C 121 -1.48 27.65 1.07
CA CYS C 121 -0.21 27.57 0.34
C CYS C 121 0.02 28.80 -0.53
N GLY C 122 0.12 29.96 0.08
CA GLY C 122 0.50 31.17 -0.62
C GLY C 122 1.81 31.72 -0.11
N SER C 123 2.22 32.84 -0.69
CA SER C 123 3.48 33.44 -0.28
C SER C 123 3.35 34.08 1.10
N ALA C 124 4.49 34.25 1.77
CA ALA C 124 4.49 34.74 3.12
C ALA C 124 4.13 36.21 3.23
N MET C 125 3.92 36.89 2.11
CA MET C 125 3.52 38.29 2.11
C MET C 125 2.02 38.50 2.01
N ALA C 126 1.23 37.47 1.77
CA ALA C 126 -0.19 37.63 1.51
C ALA C 126 -0.99 37.62 2.81
N THR C 127 -2.01 38.48 2.88
CA THR C 127 -2.89 38.55 4.04
C THR C 127 -4.34 38.63 3.60
N GLY C 128 -5.23 38.26 4.51
CA GLY C 128 -6.65 38.23 4.22
C GLY C 128 -7.40 37.38 5.21
N LYS C 129 -8.71 37.29 5.01
CA LYS C 129 -9.57 36.58 5.94
C LYS C 129 -10.56 35.67 5.23
N PHE C 130 -10.78 34.50 5.79
CA PHE C 130 -11.81 33.60 5.29
C PHE C 130 -12.81 33.31 6.41
N LEU C 131 -14.01 32.93 6.01
CA LEU C 131 -15.04 32.52 6.96
C LEU C 131 -15.41 31.07 6.68
N LEU C 132 -15.19 30.20 7.66
CA LEU C 132 -15.44 28.77 7.55
C LEU C 132 -16.68 28.41 8.35
N ALA C 133 -17.68 27.82 7.71
CA ALA C 133 -18.99 27.65 8.33
C ALA C 133 -19.47 26.20 8.24
N TYR C 134 -20.14 25.76 9.31
CA TYR C 134 -20.63 24.40 9.43
C TYR C 134 -22.14 24.38 9.64
N ALA C 135 -22.86 23.64 8.79
CA ALA C 135 -24.28 23.42 8.98
C ALA C 135 -24.56 21.97 9.37
N PRO C 136 -25.41 21.73 10.35
CA PRO C 136 -25.66 20.37 10.83
C PRO C 136 -26.53 19.60 9.85
N PRO C 137 -26.66 18.29 10.03
CA PRO C 137 -27.55 17.51 9.15
C PRO C 137 -29.00 17.91 9.36
N GLY C 138 -29.71 18.09 8.24
CA GLY C 138 -31.08 18.54 8.26
C GLY C 138 -31.21 20.03 8.03
N ALA C 139 -30.10 20.73 7.89
CA ALA C 139 -30.13 22.17 7.61
C ALA C 139 -29.66 22.44 6.20
N ASN C 140 -30.20 23.50 5.60
CA ASN C 140 -29.80 23.91 4.27
C ASN C 140 -28.44 24.61 4.30
N ALA C 141 -27.77 24.59 3.17
CA ALA C 141 -26.49 25.28 3.07
C ALA C 141 -26.72 26.79 2.98
N PRO C 142 -25.92 27.58 3.68
CA PRO C 142 -26.11 29.04 3.64
C PRO C 142 -25.89 29.58 2.25
N LYS C 143 -26.66 30.60 1.91
CA LYS C 143 -26.62 31.23 0.60
C LYS C 143 -25.81 32.52 0.56
N SER C 144 -25.47 33.11 1.70
CA SER C 144 -24.73 34.36 1.70
C SER C 144 -23.68 34.29 2.78
N ARG C 145 -22.79 35.28 2.77
CA ARG C 145 -21.80 35.40 3.82
C ARG C 145 -22.42 35.77 5.16
N LYS C 146 -23.55 36.48 5.17
CA LYS C 146 -24.13 36.96 6.42
C LYS C 146 -24.83 35.85 7.18
N ASP C 147 -25.60 35.01 6.50
CA ASP C 147 -26.24 33.92 7.19
C ASP C 147 -25.28 32.80 7.53
N ALA C 148 -24.14 32.71 6.84
CA ALA C 148 -23.10 31.81 7.32
C ALA C 148 -22.47 32.34 8.60
N MET C 149 -22.37 33.66 8.75
CA MET C 149 -21.93 34.27 9.99
C MET C 149 -22.91 34.05 11.13
N LEU C 150 -24.20 33.93 10.83
CA LEU C 150 -25.21 33.74 11.86
C LEU C 150 -25.28 32.32 12.40
N GLY C 151 -24.55 31.37 11.84
CA GLY C 151 -24.43 30.01 12.37
C GLY C 151 -23.09 29.76 13.04
N THR C 152 -22.69 28.49 13.09
CA THR C 152 -21.39 28.09 13.61
C THR C 152 -20.31 28.31 12.56
N HIS C 153 -19.28 29.08 12.93
CA HIS C 153 -18.25 29.49 11.99
C HIS C 153 -16.99 29.84 12.76
N ILE C 154 -15.89 29.92 12.03
CA ILE C 154 -14.64 30.45 12.52
C ILE C 154 -14.09 31.42 11.48
N ILE C 155 -13.47 32.50 11.92
CA ILE C 155 -12.85 33.48 11.04
C ILE C 155 -11.35 33.23 11.04
N TRP C 156 -10.80 32.95 9.86
CA TRP C 156 -9.44 32.45 9.71
C TRP C 156 -8.58 33.49 8.99
N ASP C 157 -7.61 34.06 9.71
CA ASP C 157 -6.69 35.07 9.18
C ASP C 157 -5.40 34.39 8.75
N VAL C 158 -5.14 34.37 7.45
CA VAL C 158 -3.98 33.63 6.97
C VAL C 158 -2.67 34.39 7.12
N GLY C 159 -2.73 35.69 7.38
CA GLY C 159 -1.53 36.39 7.81
C GLY C 159 -1.07 36.03 9.21
N LEU C 160 -1.93 35.45 10.02
CA LEU C 160 -1.55 34.97 11.34
C LEU C 160 -1.34 33.47 11.43
N GLN C 161 -2.26 32.65 10.91
CA GLN C 161 -2.18 31.20 10.96
C GLN C 161 -2.17 30.64 9.56
N SER C 162 -1.34 29.64 9.32
CA SER C 162 -1.37 28.98 8.03
C SER C 162 -2.33 27.80 7.96
N SER C 163 -2.94 27.39 9.06
CA SER C 163 -3.78 26.21 8.99
C SER C 163 -4.89 26.31 10.03
N CYS C 164 -6.02 25.68 9.71
CA CYS C 164 -7.17 25.64 10.58
C CYS C 164 -7.68 24.22 10.71
N VAL C 165 -8.33 23.91 11.82
CA VAL C 165 -8.76 22.55 12.15
C VAL C 165 -10.23 22.56 12.58
N LEU C 166 -10.97 21.53 12.17
CA LEU C 166 -12.38 21.37 12.47
C LEU C 166 -12.66 19.93 12.90
N CYS C 167 -13.51 19.75 13.90
CA CYS C 167 -13.93 18.42 14.31
C CYS C 167 -15.44 18.32 14.30
N ILE C 168 -15.95 17.35 13.52
CA ILE C 168 -17.37 17.21 13.21
C ILE C 168 -17.92 16.00 13.97
N PRO C 169 -18.96 16.17 14.82
CA PRO C 169 -19.34 15.11 15.77
C PRO C 169 -20.41 14.06 15.45
N TRP C 170 -21.30 14.24 14.47
CA TRP C 170 -22.41 13.27 14.32
C TRP C 170 -22.39 12.66 12.92
N ILE C 171 -21.54 11.68 12.69
CA ILE C 171 -21.39 11.10 11.37
C ILE C 171 -21.90 9.66 11.37
N SER C 172 -22.79 9.36 10.43
CA SER C 172 -23.32 8.03 10.20
C SER C 172 -23.54 7.87 8.71
N GLN C 173 -24.15 6.76 8.31
CA GLN C 173 -24.51 6.62 6.91
C GLN C 173 -25.96 6.21 6.71
N THR C 174 -26.32 5.95 5.46
CA THR C 174 -27.63 5.41 5.09
C THR C 174 -27.85 3.97 5.56
N TYR C 184 -30.94 16.19 -0.49
CA TYR C 184 -31.26 14.83 -0.82
C TYR C 184 -30.17 13.96 -0.27
N THR C 185 -29.58 14.46 0.82
CA THR C 185 -28.55 13.75 1.56
C THR C 185 -28.95 13.52 3.02
N SER C 186 -29.44 14.57 3.70
CA SER C 186 -29.61 14.57 5.16
C SER C 186 -28.27 14.53 5.89
N ALA C 187 -27.29 15.23 5.34
CA ALA C 187 -25.98 15.34 5.97
C ALA C 187 -25.62 16.81 6.17
N GLY C 188 -24.70 17.06 7.09
CA GLY C 188 -24.18 18.40 7.28
C GLY C 188 -23.33 18.87 6.14
N ASN C 189 -23.00 20.16 6.15
CA ASN C 189 -22.16 20.68 5.08
C ASN C 189 -21.19 21.70 5.64
N VAL C 190 -20.18 22.02 4.84
CA VAL C 190 -19.14 22.99 5.16
C VAL C 190 -18.99 23.93 3.99
N THR C 191 -18.87 25.23 4.26
CA THR C 191 -18.66 26.21 3.20
C THR C 191 -17.62 27.25 3.62
N CYS C 192 -17.02 27.89 2.63
CA CYS C 192 -15.98 28.88 2.88
C CYS C 192 -16.29 30.14 2.08
N TRP C 193 -16.10 31.28 2.72
CA TRP C 193 -16.45 32.57 2.13
C TRP C 193 -15.30 33.55 2.26
N TYR C 194 -15.17 34.44 1.27
CA TYR C 194 -14.25 35.57 1.32
C TYR C 194 -14.75 36.61 2.29
N GLN C 195 -14.07 36.76 3.43
CA GLN C 195 -14.41 37.89 4.28
C GLN C 195 -13.80 39.19 3.76
N THR C 196 -12.52 39.19 3.37
CA THR C 196 -11.90 40.44 2.94
C THR C 196 -11.36 40.41 1.52
N GLY C 197 -10.71 39.35 1.09
CA GLY C 197 -9.95 39.44 -0.14
C GLY C 197 -8.47 39.38 0.15
N ILE C 198 -7.64 39.02 -0.80
CA ILE C 198 -6.21 38.83 -0.54
C ILE C 198 -5.44 40.04 -1.00
N VAL C 199 -4.49 40.46 -0.17
CA VAL C 199 -3.73 41.70 -0.34
C VAL C 199 -2.25 41.35 -0.35
N VAL C 200 -1.52 41.84 -1.35
CA VAL C 200 -0.11 41.52 -1.52
C VAL C 200 0.69 42.79 -1.78
N PRO C 201 1.98 42.76 -1.50
CA PRO C 201 2.88 43.83 -1.93
C PRO C 201 3.25 43.70 -3.41
N ALA C 202 4.14 44.58 -3.84
CA ALA C 202 4.59 44.56 -5.22
C ALA C 202 5.66 43.48 -5.42
N GLY C 203 5.45 42.63 -6.42
CA GLY C 203 6.41 41.60 -6.75
C GLY C 203 6.11 40.22 -6.19
N THR C 204 4.88 39.96 -5.80
CA THR C 204 4.48 38.63 -5.34
C THR C 204 3.42 38.07 -6.27
N PRO C 205 3.35 36.74 -6.40
CA PRO C 205 2.30 36.13 -7.23
C PRO C 205 0.91 36.52 -6.77
N THR C 206 -0.02 36.53 -7.72
CA THR C 206 -1.35 37.09 -7.49
C THR C 206 -2.34 36.06 -6.95
N SER C 207 -2.38 34.88 -7.55
CA SER C 207 -3.29 33.79 -7.18
C SER C 207 -2.65 32.87 -6.16
N CYS C 208 -3.43 31.96 -5.58
CA CYS C 208 -2.87 30.98 -4.63
C CYS C 208 -3.87 29.84 -4.40
N SER C 209 -3.56 28.98 -3.42
CA SER C 209 -4.28 27.72 -3.28
C SER C 209 -4.50 27.35 -1.82
N ILE C 210 -5.53 26.55 -1.59
CA ILE C 210 -5.80 25.94 -0.29
C ILE C 210 -5.84 24.43 -0.46
N MET C 211 -5.45 23.70 0.58
CA MET C 211 -5.51 22.24 0.59
C MET C 211 -6.25 21.72 1.82
N CYS C 212 -7.02 20.64 1.61
CA CYS C 212 -7.80 19.98 2.66
C CYS C 212 -7.24 18.60 2.97
N PHE C 213 -7.17 18.27 4.25
CA PHE C 213 -6.81 16.95 4.76
C PHE C 213 -7.93 16.40 5.62
N VAL C 214 -8.23 15.11 5.47
CA VAL C 214 -9.26 14.47 6.28
C VAL C 214 -8.66 13.34 7.10
N SER C 215 -9.28 13.07 8.25
CA SER C 215 -8.90 11.96 9.11
C SER C 215 -10.06 11.61 10.03
N ALA C 216 -9.92 10.50 10.76
CA ALA C 216 -10.89 10.06 11.74
C ALA C 216 -10.37 10.31 13.15
N CYS C 217 -11.28 10.56 14.08
CA CYS C 217 -10.92 10.71 15.48
C CYS C 217 -11.10 9.37 16.21
N ASN C 218 -10.56 9.30 17.42
CA ASN C 218 -10.32 8.01 18.07
C ASN C 218 -11.60 7.20 18.26
N ASP C 219 -12.75 7.84 18.31
CA ASP C 219 -13.98 7.13 18.63
C ASP C 219 -14.69 6.61 17.38
N PHE C 220 -14.01 5.87 16.50
CA PHE C 220 -14.66 5.49 15.26
C PHE C 220 -14.96 4.00 15.30
N SER C 221 -16.16 3.60 14.90
CA SER C 221 -16.53 2.18 14.93
C SER C 221 -17.17 1.72 13.63
N VAL C 222 -17.01 0.43 13.33
CA VAL C 222 -17.43 -0.20 12.08
C VAL C 222 -18.05 -1.55 12.39
N ARG C 223 -18.98 -1.99 11.54
CA ARG C 223 -19.71 -3.23 11.73
C ARG C 223 -20.16 -3.82 10.40
N LEU C 224 -20.28 -5.16 10.39
CA LEU C 224 -20.77 -5.99 9.30
C LEU C 224 -19.86 -5.92 8.06
N LEU C 225 -18.70 -6.57 8.20
CA LEU C 225 -17.79 -6.75 7.06
C LEU C 225 -18.52 -7.27 5.82
N LYS C 226 -18.28 -6.62 4.70
CA LYS C 226 -18.90 -6.98 3.43
C LYS C 226 -17.86 -6.85 2.33
N ASP C 227 -18.32 -6.86 1.09
CA ASP C 227 -17.41 -6.80 -0.05
C ASP C 227 -17.36 -5.39 -0.62
N THR C 228 -16.18 -4.99 -1.10
CA THR C 228 -16.10 -3.59 -1.50
C THR C 228 -16.56 -3.43 -2.96
N PRO C 229 -17.19 -2.31 -3.31
CA PRO C 229 -17.61 -2.12 -4.69
C PRO C 229 -16.59 -1.46 -5.61
N PHE C 230 -15.31 -1.78 -5.57
CA PHE C 230 -14.35 -1.06 -6.42
C PHE C 230 -13.54 -1.93 -7.35
N ILE C 231 -13.34 -3.20 -7.04
CA ILE C 231 -12.72 -4.11 -7.99
C ILE C 231 -13.76 -5.05 -8.58
#